data_4PEW
#
_entry.id   4PEW
#
_cell.length_a   53.967
_cell.length_b   92.567
_cell.length_c   198.304
_cell.angle_alpha   90.000
_cell.angle_beta   90.000
_cell.angle_gamma   90.000
#
_symmetry.space_group_name_H-M   'P 21 21 21'
#
loop_
_entity.id
_entity.type
_entity.pdbx_description
1 polymer 'Putative secreted protein'
2 non-polymer 'MAGNESIUM ION'
3 non-polymer 1,2-ETHANEDIOL
4 water water
#
_entity_poly.entity_id   1
_entity_poly.type   'polypeptide(L)'
_entity_poly.pdbx_seq_one_letter_code
;SFGSDVRPAAAQEVVGGGDLGPNVLVFDPSTPDIQGKVDEVFRKQESNQFGTDRYAL(MSE)FKPGTYNDINAQIGFYTS
IAGLGLNPDDTTFNGDVTVDAGWFDGNATQNFWRSAENLALNPVNGTNRWAVSQAAPFRR(MSE)HVKGGLNLAPDGYGW
ASGGYIADSKIDGEVGPYSQQQWYTRDSSVGGWGNGVWN(MSE)TFSGVEGAPAQSFPEPPYTTLETTPVSREKPFLYLD
GDDYKVFVPAKRTNARGTSWGNGTPEGESLPLDQFYVVKPGATAETINAAVDQGLHLLFTPGVYHVDQPIEIDRANTVAL
GLGLATIIPDNGVTALKVGDVDGVKVAGLLVDAGPVNSETLVEVGSDGASGDHAANPTSLQDVFVRIGGAGPGKATTSIV
VNSNDTIIDHTWVWRADHGEGVGWETNRADYGVHVKGDNVLATGLFVEHFNKYDVQWSGENGKTIFYQNEKAYDAPDQAA
IQNGDIKGYAAYKVDDSVTTHEGWG(MSE)GSYCYFNVNPDIRQQHGFQAPVKPGVKFHDLLVVSLGGKGQYEHVINDIG
DPTSGDTTIPSQVVSFP
;
_entity_poly.pdbx_strand_id   A,B
#
loop_
_chem_comp.id
_chem_comp.type
_chem_comp.name
_chem_comp.formula
EDO non-polymer 1,2-ETHANEDIOL 'C2 H6 O2'
MG non-polymer 'MAGNESIUM ION' 'Mg 2'
#
# COMPACT_ATOMS: atom_id res chain seq x y z
N VAL A 14 -29.59 -42.91 -2.78
CA VAL A 14 -28.86 -41.69 -3.14
C VAL A 14 -27.47 -42.08 -3.61
N VAL A 15 -27.02 -41.51 -4.72
CA VAL A 15 -25.70 -41.84 -5.23
C VAL A 15 -24.63 -40.84 -4.80
N GLY A 16 -23.47 -41.34 -4.39
CA GLY A 16 -22.37 -40.49 -3.98
C GLY A 16 -21.49 -40.09 -5.16
N GLY A 17 -20.66 -39.08 -4.96
CA GLY A 17 -19.75 -38.62 -6.00
C GLY A 17 -20.48 -37.79 -7.04
N GLY A 18 -19.81 -37.55 -8.17
CA GLY A 18 -20.43 -36.78 -9.23
C GLY A 18 -19.80 -35.42 -9.36
N ASP A 19 -20.22 -34.70 -10.39
CA ASP A 19 -19.56 -33.48 -10.78
C ASP A 19 -19.78 -32.38 -9.78
N LEU A 20 -18.78 -31.51 -9.61
CA LEU A 20 -18.85 -30.44 -8.63
C LEU A 20 -19.60 -29.23 -9.16
N GLY A 21 -19.97 -29.23 -10.44
CA GLY A 21 -20.81 -28.18 -10.96
C GLY A 21 -20.11 -26.91 -11.45
N PRO A 22 -20.90 -25.98 -12.00
CA PRO A 22 -20.34 -24.82 -12.72
C PRO A 22 -19.78 -23.72 -11.81
N ASN A 23 -20.09 -23.76 -10.52
CA ASN A 23 -19.58 -22.74 -9.59
C ASN A 23 -18.26 -23.14 -8.96
N VAL A 24 -17.76 -24.33 -9.27
CA VAL A 24 -16.44 -24.75 -8.86
C VAL A 24 -15.56 -24.67 -10.10
N LEU A 25 -14.72 -23.63 -10.14
CA LEU A 25 -13.82 -23.40 -11.26
C LEU A 25 -12.46 -24.04 -10.95
N VAL A 26 -12.06 -25.03 -11.76
CA VAL A 26 -10.86 -25.79 -11.49
C VAL A 26 -9.79 -25.43 -12.50
N PHE A 27 -8.61 -25.03 -11.98
CA PHE A 27 -7.49 -24.60 -12.79
C PHE A 27 -6.32 -25.57 -12.65
N ASP A 28 -5.53 -25.69 -13.70
CA ASP A 28 -4.22 -26.31 -13.54
C ASP A 28 -3.20 -25.37 -14.20
N PRO A 29 -1.90 -25.65 -14.02
CA PRO A 29 -0.96 -24.63 -14.52
C PRO A 29 -0.99 -24.37 -16.03
N SER A 30 -1.52 -25.31 -16.82
CA SER A 30 -1.62 -25.13 -18.28
C SER A 30 -2.94 -24.49 -18.70
N THR A 31 -3.82 -24.17 -17.75
CA THR A 31 -5.09 -23.53 -18.12
C THR A 31 -4.84 -22.19 -18.78
N PRO A 32 -5.42 -21.95 -19.96
CA PRO A 32 -5.22 -20.65 -20.59
C PRO A 32 -5.88 -19.51 -19.82
N ASP A 33 -5.19 -18.37 -19.78
CA ASP A 33 -5.78 -17.14 -19.25
C ASP A 33 -6.41 -17.27 -17.85
N ILE A 34 -5.67 -17.89 -16.94
CA ILE A 34 -6.10 -17.96 -15.54
C ILE A 34 -6.37 -16.57 -14.99
N GLN A 35 -5.50 -15.61 -15.28
CA GLN A 35 -5.64 -14.28 -14.71
C GLN A 35 -6.94 -13.63 -15.19
N GLY A 36 -7.24 -13.79 -16.47
CA GLY A 36 -8.45 -13.20 -17.02
C GLY A 36 -9.70 -13.82 -16.41
N LYS A 37 -9.65 -15.13 -16.21
CA LYS A 37 -10.76 -15.87 -15.62
C LYS A 37 -11.02 -15.42 -14.18
N VAL A 38 -9.98 -15.34 -13.34
CA VAL A 38 -10.13 -14.91 -11.95
CA VAL A 38 -10.20 -14.93 -11.96
C VAL A 38 -10.54 -13.43 -11.87
N ASP A 39 -9.98 -12.63 -12.78
CA ASP A 39 -10.34 -11.21 -12.85
C ASP A 39 -11.81 -11.00 -13.20
N GLU A 40 -12.38 -11.87 -14.05
CA GLU A 40 -13.80 -11.71 -14.37
C GLU A 40 -14.70 -12.06 -13.18
N VAL A 41 -14.36 -13.12 -12.44
CA VAL A 41 -15.05 -13.42 -11.18
C VAL A 41 -14.98 -12.21 -10.26
N PHE A 42 -13.78 -11.63 -10.13
CA PHE A 42 -13.61 -10.49 -9.24
C PHE A 42 -14.40 -9.26 -9.71
N ARG A 43 -14.44 -9.01 -11.02
CA ARG A 43 -15.18 -7.87 -11.51
C ARG A 43 -16.64 -7.98 -11.04
N LYS A 44 -17.20 -9.18 -11.12
CA LYS A 44 -18.57 -9.41 -10.72
C LYS A 44 -18.77 -9.39 -9.20
N GLN A 45 -17.79 -9.88 -8.45
CA GLN A 45 -17.97 -10.09 -7.00
C GLN A 45 -17.40 -9.00 -6.08
N GLU A 46 -16.58 -8.12 -6.63
CA GLU A 46 -15.84 -7.10 -5.86
C GLU A 46 -16.72 -6.32 -4.90
N SER A 47 -17.86 -5.86 -5.38
CA SER A 47 -18.76 -5.07 -4.55
C SER A 47 -20.10 -5.76 -4.32
N ASN A 48 -20.15 -7.06 -4.62
CA ASN A 48 -21.42 -7.79 -4.64
C ASN A 48 -21.71 -8.31 -3.24
N GLN A 49 -21.94 -7.39 -2.32
CA GLN A 49 -22.00 -7.74 -0.89
C GLN A 49 -23.14 -8.70 -0.51
N PHE A 50 -24.29 -8.60 -1.21
CA PHE A 50 -25.48 -9.35 -0.82
C PHE A 50 -26.05 -10.23 -1.94
N GLY A 51 -25.36 -10.30 -3.06
CA GLY A 51 -25.87 -11.09 -4.17
C GLY A 51 -25.90 -12.58 -3.88
N THR A 52 -26.57 -13.34 -4.74
CA THR A 52 -26.72 -14.77 -4.53
C THR A 52 -25.72 -15.62 -5.27
N ASP A 53 -24.86 -15.00 -6.06
CA ASP A 53 -23.83 -15.75 -6.75
C ASP A 53 -22.79 -16.28 -5.77
N ARG A 54 -22.19 -17.41 -6.11
CA ARG A 54 -21.21 -18.10 -5.25
C ARG A 54 -20.13 -18.74 -6.12
N TYR A 55 -18.86 -18.65 -5.70
CA TYR A 55 -17.75 -19.20 -6.47
C TYR A 55 -16.71 -19.88 -5.60
N ALA A 56 -16.27 -21.06 -6.02
CA ALA A 56 -15.06 -21.68 -5.48
C ALA A 56 -14.01 -21.77 -6.57
N LEU A 57 -12.86 -21.15 -6.35
CA LEU A 57 -11.72 -21.26 -7.24
C LEU A 57 -10.79 -22.32 -6.69
N MSE A 58 -10.54 -23.38 -7.45
CA MSE A 58 -9.73 -24.50 -6.99
CA MSE A 58 -9.72 -24.47 -6.98
C MSE A 58 -8.55 -24.74 -7.93
O MSE A 58 -8.73 -24.85 -9.16
CB MSE A 58 -10.60 -25.74 -6.95
CB MSE A 58 -10.57 -25.73 -6.77
CG MSE A 58 -11.68 -25.65 -5.89
CG MSE A 58 -11.93 -25.43 -6.13
SE MSE A 58 -10.89 -26.08 -4.18
SE MSE A 58 -12.59 -26.79 -4.91
CE MSE A 58 -12.47 -26.43 -3.06
CE MSE A 58 -11.27 -26.49 -3.51
N PHE A 59 -7.36 -24.83 -7.33
CA PHE A 59 -6.10 -24.96 -8.08
C PHE A 59 -5.44 -26.31 -7.87
N LYS A 60 -5.29 -27.04 -8.96
CA LYS A 60 -4.60 -28.31 -8.92
C LYS A 60 -3.16 -28.11 -8.51
N PRO A 61 -2.55 -29.12 -7.87
CA PRO A 61 -1.17 -28.99 -7.45
C PRO A 61 -0.25 -28.65 -8.63
N GLY A 62 0.68 -27.74 -8.38
CA GLY A 62 1.53 -27.22 -9.43
C GLY A 62 2.00 -25.83 -9.06
N THR A 63 2.78 -25.22 -9.93
CA THR A 63 3.30 -23.89 -9.73
C THR A 63 2.66 -22.96 -10.76
N TYR A 64 2.15 -21.82 -10.30
CA TYR A 64 1.45 -20.85 -11.11
C TYR A 64 2.22 -19.55 -11.10
N ASN A 65 2.58 -19.05 -12.27
CA ASN A 65 3.35 -17.82 -12.36
C ASN A 65 2.49 -16.64 -12.76
N ASP A 66 2.97 -15.44 -12.43
CA ASP A 66 2.34 -14.19 -12.87
C ASP A 66 0.85 -14.21 -12.55
N ILE A 67 0.55 -14.45 -11.30
CA ILE A 67 -0.85 -14.54 -10.89
C ILE A 67 -1.13 -13.64 -9.70
N ASN A 68 -2.18 -12.84 -9.81
CA ASN A 68 -2.70 -12.08 -8.69
C ASN A 68 -4.19 -12.39 -8.60
N ALA A 69 -4.55 -13.28 -7.68
CA ALA A 69 -5.92 -13.69 -7.55
C ALA A 69 -6.61 -12.73 -6.57
N GLN A 70 -7.37 -11.79 -7.10
CA GLN A 70 -8.12 -10.83 -6.26
C GLN A 70 -9.41 -11.48 -5.86
N ILE A 71 -9.66 -11.51 -4.55
CA ILE A 71 -10.81 -12.22 -4.00
C ILE A 71 -11.93 -11.28 -3.53
N GLY A 72 -13.10 -11.39 -4.17
CA GLY A 72 -14.26 -10.57 -3.85
C GLY A 72 -15.20 -11.29 -2.92
N PHE A 73 -16.44 -10.80 -2.82
CA PHE A 73 -17.44 -11.47 -1.98
C PHE A 73 -17.77 -12.87 -2.47
N TYR A 74 -18.07 -13.74 -1.50
CA TYR A 74 -18.56 -15.11 -1.75
C TYR A 74 -17.64 -15.90 -2.67
N THR A 75 -16.35 -15.69 -2.52
CA THR A 75 -15.34 -16.36 -3.32
C THR A 75 -14.38 -17.09 -2.42
N SER A 76 -14.30 -18.40 -2.58
CA SER A 76 -13.29 -19.17 -1.88
C SER A 76 -12.18 -19.51 -2.85
N ILE A 77 -10.96 -19.56 -2.37
CA ILE A 77 -9.85 -20.00 -3.20
C ILE A 77 -9.04 -21.02 -2.40
N ALA A 78 -8.65 -22.10 -3.04
CA ALA A 78 -7.86 -23.12 -2.37
C ALA A 78 -7.02 -23.92 -3.33
N GLY A 79 -5.95 -24.50 -2.81
CA GLY A 79 -5.18 -25.51 -3.53
C GLY A 79 -5.72 -26.91 -3.28
N LEU A 80 -5.34 -27.83 -4.16
CA LEU A 80 -5.86 -29.20 -4.10
C LEU A 80 -4.79 -30.23 -3.79
N GLY A 81 -3.66 -29.80 -3.23
CA GLY A 81 -2.66 -30.75 -2.77
C GLY A 81 -2.93 -31.28 -1.38
N LEU A 82 -2.33 -32.40 -1.00
CA LEU A 82 -2.45 -32.88 0.38
C LEU A 82 -1.79 -31.88 1.34
N ASN A 83 -0.76 -31.17 0.84
CA ASN A 83 -0.01 -30.20 1.63
C ASN A 83 0.00 -28.83 0.94
N PRO A 84 0.10 -27.75 1.72
CA PRO A 84 -0.04 -26.40 1.17
C PRO A 84 1.01 -26.07 0.10
N ASP A 85 2.25 -26.50 0.31
CA ASP A 85 3.31 -26.17 -0.65
C ASP A 85 3.14 -26.88 -2.00
N ASP A 86 2.23 -27.85 -2.06
CA ASP A 86 1.98 -28.55 -3.33
C ASP A 86 1.40 -27.62 -4.39
N THR A 87 0.74 -26.55 -3.95
CA THR A 87 0.10 -25.62 -4.88
C THR A 87 0.68 -24.23 -4.59
N THR A 88 1.59 -23.78 -5.43
CA THR A 88 2.38 -22.58 -5.16
C THR A 88 2.11 -21.51 -6.19
N PHE A 89 1.83 -20.29 -5.73
CA PHE A 89 1.69 -19.14 -6.62
C PHE A 89 2.95 -18.33 -6.51
N ASN A 90 3.59 -18.05 -7.64
CA ASN A 90 4.55 -16.95 -7.69
C ASN A 90 3.71 -15.74 -8.00
N GLY A 91 3.18 -15.17 -6.93
CA GLY A 91 2.11 -14.23 -7.00
C GLY A 91 1.34 -14.24 -5.72
N ASP A 92 0.09 -13.80 -5.78
CA ASP A 92 -0.60 -13.28 -4.61
C ASP A 92 -2.05 -13.75 -4.56
N VAL A 93 -2.59 -13.80 -3.34
CA VAL A 93 -4.01 -13.97 -3.11
C VAL A 93 -4.42 -12.74 -2.29
N THR A 94 -5.12 -11.82 -2.96
CA THR A 94 -5.23 -10.45 -2.47
C THR A 94 -6.65 -10.08 -2.14
N VAL A 95 -6.85 -9.47 -0.96
CA VAL A 95 -8.07 -8.74 -0.65
C VAL A 95 -7.69 -7.31 -0.29
N ASP A 96 -8.25 -6.35 -1.00
CA ASP A 96 -8.06 -4.94 -0.65
C ASP A 96 -9.38 -4.27 -0.52
N ALA A 97 -9.35 -2.96 -0.27
CA ALA A 97 -10.57 -2.22 0.03
C ALA A 97 -10.86 -1.12 -0.98
N GLY A 98 -10.35 -1.27 -2.20
CA GLY A 98 -10.52 -0.22 -3.21
C GLY A 98 -12.00 0.12 -3.45
N TRP A 99 -12.87 -0.89 -3.42
CA TRP A 99 -14.27 -0.66 -3.75
C TRP A 99 -14.98 0.18 -2.70
N PHE A 100 -14.40 0.27 -1.49
CA PHE A 100 -15.02 1.03 -0.40
C PHE A 100 -14.04 2.13 0.05
N ASP A 101 -13.29 2.67 -0.93
CA ASP A 101 -12.41 3.83 -0.69
C ASP A 101 -11.40 3.63 0.43
N GLY A 102 -10.89 2.39 0.55
CA GLY A 102 -9.89 2.11 1.57
C GLY A 102 -10.41 1.60 2.92
N ASN A 103 -11.73 1.55 3.08
CA ASN A 103 -12.35 1.07 4.32
C ASN A 103 -12.60 -0.42 4.16
N ALA A 104 -11.96 -1.25 4.99
CA ALA A 104 -11.98 -2.70 4.82
C ALA A 104 -13.03 -3.38 5.70
N THR A 105 -13.86 -2.59 6.40
CA THR A 105 -14.77 -3.14 7.41
C THR A 105 -15.95 -3.93 6.88
N GLN A 106 -16.14 -3.94 5.56
CA GLN A 106 -17.18 -4.78 4.96
C GLN A 106 -16.64 -5.89 4.07
N ASN A 107 -15.35 -6.21 4.22
CA ASN A 107 -14.75 -7.27 3.43
C ASN A 107 -15.03 -8.66 4.04
N PHE A 108 -16.25 -9.14 3.79
CA PHE A 108 -16.79 -10.33 4.43
C PHE A 108 -16.87 -11.53 3.46
N TRP A 109 -17.11 -12.71 4.03
CA TRP A 109 -17.61 -13.91 3.30
C TRP A 109 -16.71 -14.34 2.15
N ARG A 110 -15.46 -14.68 2.47
CA ARG A 110 -14.53 -15.20 1.46
C ARG A 110 -13.50 -16.04 2.19
N SER A 111 -12.63 -16.74 1.47
CA SER A 111 -11.69 -17.63 2.17
C SER A 111 -10.50 -18.01 1.32
N ALA A 112 -9.38 -18.31 1.99
CA ALA A 112 -8.19 -18.82 1.33
C ALA A 112 -7.69 -20.02 2.14
N GLU A 113 -7.33 -21.10 1.45
CA GLU A 113 -6.88 -22.31 2.13
C GLU A 113 -5.89 -23.10 1.28
N ASN A 114 -4.88 -23.68 1.92
CA ASN A 114 -4.09 -24.76 1.31
C ASN A 114 -3.28 -24.33 0.07
N LEU A 115 -2.60 -23.20 0.20
CA LEU A 115 -1.76 -22.63 -0.86
C LEU A 115 -0.46 -22.11 -0.26
N ALA A 116 0.59 -22.11 -1.07
CA ALA A 116 1.81 -21.40 -0.74
C ALA A 116 1.95 -20.22 -1.68
N LEU A 117 2.37 -19.08 -1.13
CA LEU A 117 2.45 -17.84 -1.89
C LEU A 117 3.87 -17.29 -1.81
N ASN A 118 4.42 -16.92 -2.96
CA ASN A 118 5.64 -16.10 -3.03
C ASN A 118 5.20 -14.73 -3.56
N PRO A 119 4.75 -13.83 -2.67
CA PRO A 119 4.10 -12.61 -3.16
C PRO A 119 5.06 -11.76 -4.01
N VAL A 120 4.53 -11.13 -5.07
CA VAL A 120 5.38 -10.47 -6.06
C VAL A 120 6.28 -9.37 -5.48
N ASN A 121 5.78 -8.56 -4.54
CA ASN A 121 6.59 -7.49 -3.95
C ASN A 121 7.18 -7.87 -2.58
N GLY A 122 6.99 -9.12 -2.20
CA GLY A 122 7.50 -9.64 -0.94
C GLY A 122 6.44 -9.68 0.17
N THR A 123 5.31 -8.99 -0.05
CA THR A 123 4.23 -8.91 0.94
C THR A 123 2.87 -9.23 0.30
N ASN A 124 2.16 -10.19 0.87
CA ASN A 124 0.80 -10.52 0.42
C ASN A 124 -0.20 -9.73 1.27
N ARG A 125 -1.21 -9.11 0.65
CA ARG A 125 -2.22 -8.37 1.38
C ARG A 125 -3.53 -9.14 1.50
N TRP A 126 -3.96 -9.37 2.74
CA TRP A 126 -5.25 -10.00 3.02
C TRP A 126 -6.00 -9.07 3.98
N ALA A 127 -6.60 -8.01 3.43
CA ALA A 127 -7.15 -6.93 4.26
C ALA A 127 -8.65 -7.16 4.41
N VAL A 128 -9.00 -8.03 5.35
CA VAL A 128 -10.36 -8.55 5.48
C VAL A 128 -11.01 -8.15 6.79
N SER A 129 -12.33 -8.31 6.85
CA SER A 129 -13.00 -8.26 8.15
C SER A 129 -13.53 -9.64 8.46
N GLN A 130 -14.76 -9.74 8.97
CA GLN A 130 -15.26 -11.03 9.47
C GLN A 130 -15.62 -12.06 8.38
N ALA A 131 -15.62 -13.32 8.78
CA ALA A 131 -15.93 -14.47 7.93
C ALA A 131 -15.02 -14.49 6.70
N ALA A 132 -13.73 -14.29 6.93
CA ALA A 132 -12.75 -14.33 5.85
C ALA A 132 -11.55 -15.16 6.29
N PRO A 133 -11.77 -16.46 6.55
CA PRO A 133 -10.72 -17.30 7.11
C PRO A 133 -9.52 -17.51 6.17
N PHE A 134 -8.35 -17.66 6.79
CA PHE A 134 -7.06 -17.86 6.13
C PHE A 134 -6.48 -19.09 6.83
N ARG A 135 -6.59 -20.25 6.18
CA ARG A 135 -6.23 -21.52 6.81
C ARG A 135 -5.20 -22.29 6.01
N ARG A 136 -4.28 -22.96 6.71
CA ARG A 136 -3.37 -23.88 6.05
C ARG A 136 -2.64 -23.18 4.90
N MSE A 137 -2.21 -21.94 5.14
CA MSE A 137 -1.51 -21.14 4.14
C MSE A 137 -0.03 -21.10 4.47
O MSE A 137 0.34 -21.08 5.65
CB MSE A 137 -2.05 -19.71 4.15
CG MSE A 137 -3.54 -19.62 3.76
SE MSE A 137 -3.85 -20.10 1.87
CE MSE A 137 -2.83 -18.66 1.03
N HIS A 138 0.81 -21.09 3.43
CA HIS A 138 2.23 -20.86 3.62
C HIS A 138 2.63 -19.59 2.88
N VAL A 139 2.78 -18.48 3.61
CA VAL A 139 3.18 -17.23 2.96
C VAL A 139 4.69 -17.09 3.05
N LYS A 140 5.37 -17.18 1.90
CA LYS A 140 6.83 -17.11 1.84
C LYS A 140 7.25 -15.65 1.66
N GLY A 141 6.98 -14.88 2.70
CA GLY A 141 7.14 -13.43 2.67
C GLY A 141 6.39 -12.83 3.85
N GLY A 142 6.04 -11.54 3.75
CA GLY A 142 5.29 -10.90 4.80
C GLY A 142 3.80 -10.99 4.46
N LEU A 143 2.97 -10.75 5.47
CA LEU A 143 1.53 -10.72 5.31
C LEU A 143 1.00 -9.42 5.89
N ASN A 144 0.43 -8.57 5.02
CA ASN A 144 -0.16 -7.29 5.41
C ASN A 144 -1.66 -7.50 5.54
N LEU A 145 -2.22 -7.25 6.71
CA LEU A 145 -3.65 -7.44 6.96
C LEU A 145 -4.44 -6.14 6.79
N ALA A 146 -3.75 -5.05 6.48
CA ALA A 146 -4.39 -3.74 6.42
C ALA A 146 -4.61 -3.24 5.00
N PRO A 147 -5.69 -2.47 4.78
CA PRO A 147 -5.91 -1.89 3.45
C PRO A 147 -4.84 -0.84 3.19
N ASP A 148 -4.53 -0.61 1.92
CA ASP A 148 -3.63 0.47 1.55
C ASP A 148 -4.23 1.77 2.07
N GLY A 149 -3.39 2.62 2.70
CA GLY A 149 -3.87 3.84 3.33
C GLY A 149 -4.19 3.67 4.81
N TYR A 150 -4.19 2.43 5.30
CA TYR A 150 -4.35 2.14 6.73
C TYR A 150 -5.67 2.61 7.33
N GLY A 151 -6.75 2.45 6.56
CA GLY A 151 -8.10 2.72 7.03
C GLY A 151 -8.65 1.63 7.95
N TRP A 152 -9.89 1.79 8.36
CA TRP A 152 -10.50 0.86 9.30
C TRP A 152 -10.60 -0.56 8.78
N ALA A 153 -10.42 -1.53 9.66
CA ALA A 153 -10.53 -2.94 9.30
C ALA A 153 -10.90 -3.71 10.55
N SER A 154 -11.74 -4.73 10.40
CA SER A 154 -12.30 -5.46 11.54
CA SER A 154 -12.30 -5.45 11.53
C SER A 154 -12.22 -6.98 11.39
N GLY A 155 -11.01 -7.49 11.23
CA GLY A 155 -10.78 -8.93 11.14
C GLY A 155 -10.74 -9.60 12.52
N GLY A 156 -10.22 -10.81 12.60
CA GLY A 156 -9.80 -11.62 11.47
C GLY A 156 -9.38 -12.97 12.04
N TYR A 157 -9.04 -13.92 11.17
CA TYR A 157 -8.81 -15.28 11.58
C TYR A 157 -7.75 -15.97 10.74
N ILE A 158 -6.66 -16.38 11.41
CA ILE A 158 -5.62 -17.21 10.78
C ILE A 158 -5.46 -18.47 11.60
N ALA A 159 -5.49 -19.63 10.93
CA ALA A 159 -5.22 -20.92 11.60
C ALA A 159 -4.31 -21.81 10.76
N ASP A 160 -3.48 -22.60 11.45
CA ASP A 160 -2.68 -23.64 10.82
C ASP A 160 -1.83 -23.11 9.67
N SER A 161 -1.28 -21.92 9.85
CA SER A 161 -0.54 -21.28 8.76
C SER A 161 0.88 -20.94 9.16
N LYS A 162 1.75 -20.81 8.15
CA LYS A 162 3.12 -20.40 8.35
C LYS A 162 3.40 -19.16 7.51
N ILE A 163 3.73 -18.06 8.20
CA ILE A 163 4.11 -16.83 7.52
C ILE A 163 5.61 -16.71 7.81
N ASP A 164 6.42 -16.81 6.77
CA ASP A 164 7.88 -16.81 6.96
C ASP A 164 8.38 -15.48 7.53
N GLY A 165 7.82 -14.38 7.04
CA GLY A 165 8.21 -13.05 7.49
C GLY A 165 7.25 -12.46 8.52
N GLU A 166 7.05 -11.15 8.46
CA GLU A 166 6.25 -10.47 9.47
C GLU A 166 4.77 -10.38 9.09
N VAL A 167 3.88 -10.65 10.05
CA VAL A 167 2.48 -10.31 9.88
C VAL A 167 2.32 -8.89 10.39
N GLY A 168 1.78 -8.01 9.53
CA GLY A 168 1.57 -6.61 9.86
C GLY A 168 0.08 -6.27 9.91
N PRO A 169 -0.49 -6.16 11.12
CA PRO A 169 -1.93 -5.86 11.17
C PRO A 169 -2.22 -4.40 10.89
N TYR A 170 -1.28 -3.52 11.24
CA TYR A 170 -1.42 -2.06 11.16
C TYR A 170 -2.73 -1.53 11.71
N SER A 171 -3.70 -1.24 10.85
CA SER A 171 -4.97 -0.66 11.29
C SER A 171 -6.07 -1.66 11.61
N GLN A 172 -5.80 -2.96 11.53
CA GLN A 172 -6.76 -3.95 12.00
C GLN A 172 -7.07 -3.77 13.48
N GLN A 173 -8.36 -3.74 13.82
CA GLN A 173 -8.74 -3.41 15.17
C GLN A 173 -8.51 -4.57 16.12
N GLN A 174 -8.71 -5.79 15.63
CA GLN A 174 -8.54 -6.97 16.47
C GLN A 174 -8.20 -8.14 15.54
N TRP A 175 -7.71 -9.24 16.10
CA TRP A 175 -7.31 -10.38 15.28
C TRP A 175 -7.15 -11.63 16.16
N TYR A 176 -7.46 -12.80 15.62
CA TYR A 176 -7.16 -14.06 16.28
C TYR A 176 -6.32 -14.95 15.37
N THR A 177 -5.22 -15.48 15.91
CA THR A 177 -4.37 -16.43 15.24
C THR A 177 -4.21 -17.65 16.12
N ARG A 178 -4.37 -18.85 15.54
CA ARG A 178 -4.08 -20.05 16.29
C ARG A 178 -3.24 -21.07 15.52
N ASP A 179 -2.43 -21.80 16.29
CA ASP A 179 -1.75 -23.02 15.83
C ASP A 179 -1.03 -22.76 14.51
N SER A 180 -0.13 -21.80 14.56
CA SER A 180 0.53 -21.24 13.39
C SER A 180 1.98 -20.90 13.73
N SER A 181 2.73 -20.42 12.74
CA SER A 181 4.11 -19.95 12.94
C SER A 181 4.24 -18.63 12.20
N VAL A 182 4.81 -17.61 12.86
CA VAL A 182 5.00 -16.31 12.21
C VAL A 182 6.46 -15.90 12.42
N GLY A 183 7.06 -15.23 11.44
CA GLY A 183 8.43 -14.76 11.57
C GLY A 183 8.49 -13.50 12.43
N GLY A 184 7.38 -12.81 12.56
CA GLY A 184 7.29 -11.60 13.36
C GLY A 184 5.83 -11.12 13.39
N TRP A 185 5.56 -10.16 14.28
CA TRP A 185 4.22 -9.61 14.46
C TRP A 185 4.37 -8.11 14.73
N GLY A 186 3.80 -7.27 13.86
CA GLY A 186 4.15 -5.86 13.89
C GLY A 186 3.54 -4.99 15.00
N ASN A 187 2.26 -5.19 15.33
CA ASN A 187 1.59 -4.30 16.28
C ASN A 187 0.26 -4.85 16.74
N GLY A 188 -0.29 -4.23 17.78
CA GLY A 188 -1.63 -4.52 18.26
C GLY A 188 -2.38 -3.21 18.33
N VAL A 189 -3.70 -3.30 18.18
CA VAL A 189 -4.55 -2.13 18.17
C VAL A 189 -5.50 -2.18 19.38
N TRP A 190 -6.58 -2.96 19.30
CA TRP A 190 -7.46 -3.17 20.47
C TRP A 190 -7.35 -4.56 21.09
N ASN A 191 -7.21 -5.60 20.26
CA ASN A 191 -7.22 -6.98 20.80
C ASN A 191 -6.63 -7.98 19.82
N MSE A 192 -5.33 -8.25 19.95
CA MSE A 192 -4.71 -9.30 19.17
C MSE A 192 -4.49 -10.48 20.11
O MSE A 192 -3.75 -10.38 21.13
CB MSE A 192 -3.37 -8.81 18.59
CG MSE A 192 -3.49 -8.02 17.30
SE MSE A 192 -4.80 -6.56 17.27
CE MSE A 192 -4.48 -6.09 15.45
N THR A 193 -5.18 -11.59 19.81
CA THR A 193 -5.11 -12.81 20.60
C THR A 193 -4.41 -13.93 19.81
N PHE A 194 -3.60 -14.73 20.51
CA PHE A 194 -2.83 -15.80 19.92
C PHE A 194 -2.99 -17.04 20.80
N SER A 195 -3.24 -18.21 20.19
CA SER A 195 -3.05 -19.45 20.95
C SER A 195 -2.26 -20.46 20.10
N GLY A 196 -1.22 -21.03 20.70
CA GLY A 196 -0.40 -21.98 19.96
C GLY A 196 0.37 -21.39 18.79
N VAL A 197 0.76 -20.12 18.87
CA VAL A 197 1.43 -19.47 17.76
C VAL A 197 2.91 -19.32 18.02
N GLU A 198 3.72 -20.07 17.26
CA GLU A 198 5.18 -19.94 17.31
C GLU A 198 5.55 -18.57 16.74
N GLY A 199 6.30 -17.77 17.50
CA GLY A 199 6.60 -16.43 17.07
C GLY A 199 5.64 -15.35 17.51
N ALA A 200 4.56 -15.72 18.18
CA ALA A 200 3.65 -14.72 18.75
C ALA A 200 4.40 -13.77 19.69
N PRO A 201 3.99 -12.50 19.72
CA PRO A 201 4.61 -11.59 20.69
C PRO A 201 4.20 -12.02 22.10
N ALA A 202 5.01 -11.67 23.09
CA ALA A 202 4.70 -12.02 24.47
C ALA A 202 3.39 -11.41 24.97
N GLN A 203 2.70 -12.14 25.83
CA GLN A 203 1.57 -11.59 26.60
C GLN A 203 1.95 -10.24 27.19
N SER A 204 1.16 -9.20 26.90
CA SER A 204 1.51 -7.85 27.31
C SER A 204 0.31 -6.93 27.60
N PHE A 205 -0.91 -7.45 27.43
CA PHE A 205 -2.12 -6.65 27.62
C PHE A 205 -2.04 -5.88 28.96
N PRO A 206 -2.38 -4.59 28.97
CA PRO A 206 -3.07 -3.82 27.93
C PRO A 206 -2.19 -3.19 26.85
N GLU A 207 -0.88 -3.13 27.05
CA GLU A 207 -0.05 -2.36 26.11
C GLU A 207 1.26 -3.06 25.74
N PRO A 208 1.42 -3.48 24.46
CA PRO A 208 0.38 -3.59 23.42
C PRO A 208 -0.67 -4.58 23.84
N PRO A 209 -1.84 -4.54 23.19
CA PRO A 209 -2.96 -5.38 23.63
C PRO A 209 -2.84 -6.81 23.11
N TYR A 210 -1.80 -7.49 23.57
CA TYR A 210 -1.52 -8.87 23.18
C TYR A 210 -1.95 -9.85 24.27
N THR A 211 -2.85 -10.78 23.89
CA THR A 211 -3.28 -11.88 24.74
C THR A 211 -2.67 -13.13 24.12
N THR A 212 -1.76 -13.77 24.83
CA THR A 212 -0.94 -14.84 24.27
C THR A 212 -0.98 -16.11 25.13
N LEU A 213 -1.50 -17.16 24.53
CA LEU A 213 -1.60 -18.46 25.19
C LEU A 213 -0.64 -19.42 24.49
N GLU A 214 0.14 -20.17 25.27
CA GLU A 214 1.16 -21.04 24.69
C GLU A 214 0.59 -22.11 23.78
N THR A 215 -0.54 -22.71 24.17
CA THR A 215 -1.17 -23.74 23.36
C THR A 215 -2.69 -23.50 23.25
N THR A 216 -3.31 -24.15 22.27
CA THR A 216 -4.76 -24.17 22.17
C THR A 216 -5.23 -25.47 22.81
N PRO A 217 -6.20 -25.38 23.74
CA PRO A 217 -6.58 -26.55 24.55
C PRO A 217 -6.92 -27.76 23.69
N VAL A 218 -7.78 -27.57 22.70
CA VAL A 218 -7.98 -28.62 21.71
C VAL A 218 -8.27 -27.91 20.40
N SER A 219 -7.80 -28.49 19.30
CA SER A 219 -8.19 -28.01 17.97
C SER A 219 -8.21 -29.18 17.03
N ARG A 220 -8.99 -29.04 15.96
CA ARG A 220 -9.02 -30.06 14.94
C ARG A 220 -9.14 -29.33 13.60
N GLU A 221 -8.15 -29.49 12.73
CA GLU A 221 -8.14 -28.66 11.53
C GLU A 221 -9.30 -28.96 10.60
N LYS A 222 -9.76 -27.92 9.90
CA LYS A 222 -10.93 -28.03 9.02
C LYS A 222 -10.69 -29.04 7.89
N PRO A 223 -11.66 -29.93 7.64
CA PRO A 223 -11.50 -30.82 6.47
C PRO A 223 -11.44 -30.02 5.17
N PHE A 224 -10.78 -30.58 4.15
CA PHE A 224 -10.67 -29.87 2.87
C PHE A 224 -10.62 -30.81 1.67
N LEU A 225 -11.12 -30.34 0.53
CA LEU A 225 -11.09 -31.10 -0.72
C LEU A 225 -9.66 -31.11 -1.28
N TYR A 226 -9.20 -32.26 -1.80
CA TYR A 226 -7.91 -32.31 -2.46
C TYR A 226 -7.89 -33.41 -3.51
N LEU A 227 -6.83 -33.46 -4.29
CA LEU A 227 -6.66 -34.47 -5.32
C LEU A 227 -5.57 -35.46 -4.95
N ASP A 228 -5.93 -36.72 -4.91
CA ASP A 228 -4.95 -37.79 -4.74
C ASP A 228 -4.77 -38.41 -6.10
N GLY A 229 -3.70 -38.05 -6.80
CA GLY A 229 -3.57 -38.40 -8.20
C GLY A 229 -4.66 -37.71 -8.97
N ASP A 230 -5.51 -38.47 -9.65
CA ASP A 230 -6.65 -37.91 -10.37
C ASP A 230 -7.97 -38.02 -9.60
N ASP A 231 -7.91 -38.54 -8.38
CA ASP A 231 -9.15 -38.77 -7.62
C ASP A 231 -9.39 -37.70 -6.55
N TYR A 232 -10.58 -37.10 -6.59
CA TYR A 232 -10.97 -36.17 -5.51
C TYR A 232 -11.21 -36.91 -4.19
N LYS A 233 -10.69 -36.33 -3.11
CA LYS A 233 -10.91 -36.84 -1.77
C LYS A 233 -11.08 -35.66 -0.83
N VAL A 234 -11.63 -35.92 0.35
CA VAL A 234 -11.62 -34.91 1.42
C VAL A 234 -10.70 -35.42 2.51
N PHE A 235 -9.71 -34.60 2.89
CA PHE A 235 -8.84 -34.94 4.01
C PHE A 235 -9.50 -34.47 5.31
N VAL A 236 -9.50 -35.35 6.32
CA VAL A 236 -10.13 -35.08 7.60
C VAL A 236 -9.08 -35.19 8.72
N PRO A 237 -8.49 -34.04 9.10
CA PRO A 237 -7.46 -34.01 10.14
C PRO A 237 -7.94 -34.57 11.50
N ALA A 238 -7.06 -35.29 12.20
CA ALA A 238 -7.33 -35.76 13.56
C ALA A 238 -7.15 -34.62 14.57
N LYS A 239 -7.78 -34.72 15.74
CA LYS A 239 -7.64 -33.66 16.74
C LYS A 239 -6.26 -33.60 17.37
N ARG A 240 -5.89 -32.39 17.79
CA ARG A 240 -4.69 -32.13 18.58
C ARG A 240 -5.09 -31.55 19.94
N THR A 241 -4.45 -32.03 20.99
CA THR A 241 -4.64 -31.51 22.34
C THR A 241 -3.43 -30.64 22.68
N ASN A 242 -3.67 -29.49 23.33
CA ASN A 242 -2.59 -28.53 23.62
C ASN A 242 -1.75 -28.28 22.38
N ALA A 243 -2.45 -27.86 21.33
CA ALA A 243 -1.86 -27.65 20.01
C ALA A 243 -0.93 -26.43 19.98
N ARG A 244 0.14 -26.54 19.20
CA ARG A 244 1.02 -25.40 18.95
C ARG A 244 1.74 -25.58 17.62
N GLY A 245 1.78 -24.53 16.81
CA GLY A 245 2.43 -24.59 15.52
C GLY A 245 1.53 -25.27 14.50
N THR A 246 1.99 -25.36 13.25
CA THR A 246 1.16 -25.96 12.22
C THR A 246 1.06 -27.48 12.31
N SER A 247 0.01 -28.02 11.68
CA SER A 247 -0.23 -29.46 11.69
C SER A 247 0.59 -30.16 10.60
N TRP A 248 1.00 -29.39 9.59
CA TRP A 248 1.59 -29.94 8.37
C TRP A 248 3.07 -29.59 8.21
N GLY A 249 3.61 -28.80 9.14
CA GLY A 249 5.02 -28.42 9.08
C GLY A 249 6.04 -29.55 8.95
N ASN A 250 5.81 -30.65 9.68
CA ASN A 250 6.72 -31.79 9.65
C ASN A 250 6.19 -32.92 8.79
N GLY A 251 5.46 -32.56 7.75
CA GLY A 251 4.88 -33.56 6.87
C GLY A 251 3.42 -33.81 7.22
N THR A 252 2.78 -34.65 6.42
CA THR A 252 1.37 -34.93 6.52
C THR A 252 0.94 -35.32 7.93
N PRO A 253 -0.09 -34.62 8.44
CA PRO A 253 -0.53 -34.85 9.82
C PRO A 253 -1.39 -36.11 9.90
N GLU A 254 -1.70 -36.53 11.12
CA GLU A 254 -2.66 -37.60 11.33
C GLU A 254 -4.03 -37.18 10.81
N GLY A 255 -4.71 -38.11 10.16
CA GLY A 255 -6.03 -37.85 9.62
C GLY A 255 -6.43 -38.94 8.65
N GLU A 256 -7.65 -38.84 8.14
CA GLU A 256 -8.18 -39.86 7.22
C GLU A 256 -8.60 -39.19 5.91
N SER A 257 -8.50 -39.90 4.80
CA SER A 257 -8.96 -39.37 3.52
C SER A 257 -10.23 -40.09 3.09
N LEU A 258 -11.26 -39.34 2.76
CA LEU A 258 -12.52 -39.91 2.27
C LEU A 258 -12.67 -39.65 0.79
N PRO A 259 -12.88 -40.70 -0.02
CA PRO A 259 -13.10 -40.49 -1.46
C PRO A 259 -14.39 -39.71 -1.72
N LEU A 260 -14.41 -38.96 -2.80
CA LEU A 260 -15.58 -38.17 -3.17
C LEU A 260 -16.85 -39.03 -3.34
N ASP A 261 -16.71 -40.29 -3.78
CA ASP A 261 -17.92 -41.12 -3.94
C ASP A 261 -18.58 -41.46 -2.60
N GLN A 262 -17.95 -41.09 -1.49
CA GLN A 262 -18.55 -41.26 -0.18
CA GLN A 262 -18.57 -41.29 -0.18
C GLN A 262 -19.29 -40.02 0.27
N PHE A 263 -19.42 -39.05 -0.64
CA PHE A 263 -20.15 -37.81 -0.37
C PHE A 263 -21.33 -37.64 -1.29
N TYR A 264 -22.46 -37.22 -0.73
CA TYR A 264 -23.54 -36.67 -1.54
C TYR A 264 -23.15 -35.26 -1.95
N VAL A 265 -22.98 -35.06 -3.24
CA VAL A 265 -22.59 -33.77 -3.79
C VAL A 265 -23.85 -32.95 -4.00
N VAL A 266 -24.10 -32.03 -3.06
CA VAL A 266 -25.33 -31.26 -3.00
C VAL A 266 -25.28 -30.13 -4.02
N LYS A 267 -26.35 -30.03 -4.80
CA LYS A 267 -26.50 -29.00 -5.80
C LYS A 267 -27.91 -28.42 -5.72
N PRO A 268 -28.18 -27.34 -6.47
CA PRO A 268 -29.56 -26.87 -6.71
C PRO A 268 -30.60 -27.95 -6.96
N GLY A 269 -31.71 -27.86 -6.25
CA GLY A 269 -32.76 -28.85 -6.38
C GLY A 269 -32.76 -29.81 -5.21
N ALA A 270 -31.73 -29.75 -4.36
CA ALA A 270 -31.67 -30.73 -3.31
C ALA A 270 -32.57 -30.31 -2.15
N THR A 271 -33.48 -31.19 -1.78
CA THR A 271 -34.35 -30.92 -0.66
C THR A 271 -33.70 -31.43 0.62
N ALA A 272 -34.17 -30.92 1.74
CA ALA A 272 -33.74 -31.45 3.03
C ALA A 272 -34.07 -32.94 3.11
N GLU A 273 -35.18 -33.36 2.53
CA GLU A 273 -35.53 -34.78 2.61
C GLU A 273 -34.46 -35.65 1.94
N THR A 274 -33.96 -35.20 0.79
CA THR A 274 -32.96 -35.95 0.06
C THR A 274 -31.60 -35.92 0.79
N ILE A 275 -31.23 -34.73 1.26
CA ILE A 275 -30.00 -34.57 2.01
C ILE A 275 -30.03 -35.47 3.25
N ASN A 276 -31.17 -35.52 3.92
CA ASN A 276 -31.29 -36.28 5.17
C ASN A 276 -31.24 -37.76 4.89
N ALA A 277 -31.84 -38.15 3.77
CA ALA A 277 -31.79 -39.54 3.33
C ALA A 277 -30.34 -39.94 2.99
N ALA A 278 -29.60 -39.04 2.36
CA ALA A 278 -28.20 -39.31 2.08
C ALA A 278 -27.39 -39.60 3.34
N VAL A 279 -27.60 -38.79 4.39
CA VAL A 279 -26.87 -39.01 5.63
C VAL A 279 -27.29 -40.33 6.28
N ASP A 280 -28.58 -40.59 6.27
CA ASP A 280 -29.08 -41.82 6.89
CA ASP A 280 -29.13 -41.83 6.82
C ASP A 280 -28.49 -43.03 6.18
N GLN A 281 -28.20 -42.89 4.89
CA GLN A 281 -27.65 -43.98 4.09
C GLN A 281 -26.14 -44.13 4.20
N GLY A 282 -25.52 -43.27 5.00
CA GLY A 282 -24.09 -43.37 5.24
C GLY A 282 -23.21 -42.41 4.45
N LEU A 283 -23.81 -41.53 3.66
CA LEU A 283 -23.02 -40.56 2.88
C LEU A 283 -22.68 -39.29 3.68
N HIS A 284 -21.52 -38.71 3.40
CA HIS A 284 -21.15 -37.39 3.94
C HIS A 284 -21.77 -36.34 3.02
N LEU A 285 -21.61 -35.06 3.33
CA LEU A 285 -22.22 -34.01 2.52
C LEU A 285 -21.19 -33.04 2.00
N LEU A 286 -21.21 -32.77 0.70
CA LEU A 286 -20.37 -31.72 0.10
C LEU A 286 -21.31 -30.71 -0.57
N PHE A 287 -21.40 -29.50 -0.02
CA PHE A 287 -22.30 -28.49 -0.56
C PHE A 287 -21.52 -27.70 -1.60
N THR A 288 -21.86 -27.86 -2.86
CA THR A 288 -21.26 -27.04 -3.90
C THR A 288 -21.74 -25.60 -3.76
N PRO A 289 -20.98 -24.64 -4.30
CA PRO A 289 -21.34 -23.23 -4.03
C PRO A 289 -22.71 -22.88 -4.58
N GLY A 290 -23.57 -22.30 -3.77
CA GLY A 290 -24.94 -21.97 -4.18
C GLY A 290 -25.75 -21.62 -2.96
N VAL A 291 -27.04 -21.37 -3.19
CA VAL A 291 -27.96 -20.96 -2.14
C VAL A 291 -29.05 -22.03 -2.08
N TYR A 292 -29.20 -22.64 -0.93
CA TYR A 292 -30.08 -23.79 -0.76
C TYR A 292 -31.21 -23.49 0.21
N HIS A 293 -32.43 -23.33 -0.30
CA HIS A 293 -33.59 -23.23 0.56
C HIS A 293 -34.01 -24.60 1.05
N VAL A 294 -34.38 -24.69 2.32
CA VAL A 294 -34.92 -25.92 2.90
C VAL A 294 -36.25 -25.69 3.61
N ASP A 295 -37.15 -26.67 3.50
CA ASP A 295 -38.47 -26.57 4.11
C ASP A 295 -38.58 -27.37 5.41
N GLN A 296 -37.51 -28.04 5.79
CA GLN A 296 -37.41 -28.73 7.08
CA GLN A 296 -37.41 -28.73 7.08
C GLN A 296 -35.92 -28.78 7.41
N PRO A 297 -35.56 -29.04 8.67
CA PRO A 297 -34.12 -29.02 8.99
C PRO A 297 -33.33 -30.12 8.31
N ILE A 298 -32.10 -29.77 7.91
CA ILE A 298 -31.10 -30.76 7.59
C ILE A 298 -30.72 -31.43 8.92
N GLU A 299 -30.78 -32.76 8.95
CA GLU A 299 -30.53 -33.52 10.17
C GLU A 299 -29.32 -34.40 10.03
N ILE A 300 -28.31 -34.15 10.84
CA ILE A 300 -27.14 -35.00 10.80
C ILE A 300 -27.08 -35.82 12.10
N ASP A 301 -27.49 -37.09 12.02
CA ASP A 301 -27.60 -37.93 13.19
C ASP A 301 -26.69 -39.14 13.08
N ARG A 302 -25.64 -39.06 12.27
CA ARG A 302 -24.73 -40.18 12.15
C ARG A 302 -23.34 -39.73 12.62
N ALA A 303 -22.72 -40.50 13.50
CA ALA A 303 -21.40 -40.15 14.01
C ALA A 303 -20.41 -39.97 12.86
N ASN A 304 -19.50 -39.01 13.03
CA ASN A 304 -18.38 -38.79 12.09
C ASN A 304 -18.78 -38.26 10.72
N THR A 305 -20.03 -37.81 10.57
CA THR A 305 -20.42 -37.20 9.29
C THR A 305 -19.70 -35.86 9.03
N VAL A 306 -19.13 -35.71 7.83
CA VAL A 306 -18.58 -34.44 7.40
C VAL A 306 -19.61 -33.72 6.56
N ALA A 307 -19.86 -32.45 6.87
CA ALA A 307 -20.73 -31.60 6.07
C ALA A 307 -19.90 -30.37 5.71
N LEU A 308 -19.37 -30.37 4.49
CA LEU A 308 -18.36 -29.40 4.06
C LEU A 308 -18.91 -28.57 2.94
N GLY A 309 -18.82 -27.24 3.09
CA GLY A 309 -19.30 -26.33 2.08
C GLY A 309 -18.15 -25.74 1.29
N LEU A 310 -18.40 -25.51 0.00
CA LEU A 310 -17.46 -24.80 -0.88
C LEU A 310 -18.07 -23.47 -1.29
N GLY A 311 -17.21 -22.47 -1.52
CA GLY A 311 -17.61 -21.20 -2.07
C GLY A 311 -18.73 -20.50 -1.34
N LEU A 312 -18.69 -20.56 -0.01
CA LEU A 312 -19.68 -19.87 0.83
C LEU A 312 -21.10 -20.39 0.55
N ALA A 313 -21.19 -21.71 0.34
CA ALA A 313 -22.50 -22.36 0.21
C ALA A 313 -23.39 -21.92 1.37
N THR A 314 -24.64 -21.59 1.04
CA THR A 314 -25.56 -20.93 1.96
C THR A 314 -26.86 -21.72 2.08
N ILE A 315 -27.36 -21.87 3.30
CA ILE A 315 -28.63 -22.52 3.58
C ILE A 315 -29.62 -21.49 4.13
N ILE A 316 -30.81 -21.43 3.55
CA ILE A 316 -31.88 -20.54 4.02
C ILE A 316 -33.05 -21.41 4.42
N PRO A 317 -33.44 -21.35 5.70
CA PRO A 317 -34.64 -22.10 6.13
C PRO A 317 -35.93 -21.32 5.84
N ASP A 318 -36.89 -22.00 5.21
CA ASP A 318 -38.14 -21.37 4.87
C ASP A 318 -39.18 -21.64 5.96
N ASN A 319 -40.21 -20.81 6.05
CA ASN A 319 -41.34 -21.07 6.93
C ASN A 319 -40.97 -21.21 8.40
N GLY A 320 -39.87 -20.58 8.80
CA GLY A 320 -39.48 -20.53 10.20
C GLY A 320 -38.88 -21.81 10.73
N VAL A 321 -38.51 -22.74 9.87
CA VAL A 321 -37.89 -23.98 10.37
C VAL A 321 -36.44 -23.74 10.80
N THR A 322 -35.89 -24.68 11.56
CA THR A 322 -34.48 -24.69 11.90
C THR A 322 -33.72 -25.15 10.66
N ALA A 323 -32.58 -24.53 10.35
CA ALA A 323 -31.81 -24.93 9.17
C ALA A 323 -31.03 -26.23 9.34
N LEU A 324 -30.40 -26.41 10.50
CA LEU A 324 -29.47 -27.52 10.71
C LEU A 324 -29.56 -28.03 12.13
N LYS A 325 -29.77 -29.33 12.28
CA LYS A 325 -29.76 -29.99 13.59
C LYS A 325 -28.77 -31.12 13.55
N VAL A 326 -27.79 -31.09 14.43
CA VAL A 326 -26.86 -32.20 14.60
C VAL A 326 -27.34 -33.02 15.80
N GLY A 327 -27.39 -34.34 15.62
CA GLY A 327 -27.80 -35.21 16.70
C GLY A 327 -26.76 -35.37 17.78
N ASP A 328 -27.10 -36.19 18.78
CA ASP A 328 -26.24 -36.42 19.92
C ASP A 328 -25.18 -37.48 19.62
N VAL A 329 -24.27 -37.18 18.72
CA VAL A 329 -23.30 -38.17 18.28
C VAL A 329 -21.89 -37.59 18.25
N ASP A 330 -20.90 -38.48 18.18
CA ASP A 330 -19.50 -38.08 18.15
C ASP A 330 -19.11 -37.62 16.76
N GLY A 331 -18.16 -36.70 16.70
CA GLY A 331 -17.36 -36.50 15.52
C GLY A 331 -17.96 -35.86 14.29
N VAL A 332 -19.11 -35.20 14.41
CA VAL A 332 -19.65 -34.49 13.25
C VAL A 332 -18.79 -33.25 12.97
N LYS A 333 -18.45 -33.04 11.70
CA LYS A 333 -17.62 -31.91 11.31
C LYS A 333 -18.34 -31.04 10.30
N VAL A 334 -18.91 -29.93 10.77
CA VAL A 334 -19.61 -28.98 9.91
C VAL A 334 -18.64 -27.86 9.58
N ALA A 335 -18.48 -27.55 8.30
CA ALA A 335 -17.48 -26.56 7.93
C ALA A 335 -17.85 -25.79 6.67
N GLY A 336 -17.65 -24.48 6.70
CA GLY A 336 -17.73 -23.67 5.49
C GLY A 336 -19.12 -23.35 4.97
N LEU A 337 -20.08 -23.12 5.88
CA LEU A 337 -21.47 -22.86 5.51
C LEU A 337 -21.93 -21.54 6.08
N LEU A 338 -22.70 -20.80 5.29
CA LEU A 338 -23.41 -19.61 5.77
C LEU A 338 -24.88 -20.00 5.94
N VAL A 339 -25.45 -19.74 7.11
CA VAL A 339 -26.89 -19.94 7.32
C VAL A 339 -27.54 -18.57 7.34
N ASP A 340 -28.49 -18.34 6.45
CA ASP A 340 -29.03 -17.01 6.19
C ASP A 340 -30.51 -17.08 6.55
N ALA A 341 -30.94 -16.33 7.57
CA ALA A 341 -32.33 -16.43 8.05
C ALA A 341 -33.34 -16.08 6.96
N GLY A 342 -34.47 -16.79 6.96
CA GLY A 342 -35.59 -16.43 6.09
C GLY A 342 -36.45 -15.36 6.77
N PRO A 343 -37.39 -14.77 6.01
CA PRO A 343 -38.24 -13.70 6.57
C PRO A 343 -39.21 -14.17 7.65
N VAL A 344 -39.58 -15.43 7.66
CA VAL A 344 -40.42 -15.98 8.73
C VAL A 344 -39.54 -16.40 9.91
N ASN A 345 -39.86 -15.92 11.11
CA ASN A 345 -38.98 -16.16 12.25
C ASN A 345 -38.72 -17.64 12.53
N SER A 346 -37.44 -17.99 12.64
CA SER A 346 -37.06 -19.32 13.11
C SER A 346 -36.70 -19.29 14.59
N GLU A 347 -37.30 -20.16 15.37
CA GLU A 347 -36.96 -20.24 16.80
CA GLU A 347 -36.96 -20.21 16.80
C GLU A 347 -35.46 -20.43 16.98
N THR A 348 -34.89 -21.30 16.15
CA THR A 348 -33.46 -21.56 16.15
C THR A 348 -33.00 -21.70 14.70
N LEU A 349 -31.75 -21.33 14.39
CA LEU A 349 -31.22 -21.60 13.06
C LEU A 349 -30.35 -22.85 13.02
N VAL A 350 -29.51 -23.03 14.03
CA VAL A 350 -28.60 -24.18 14.12
C VAL A 350 -28.66 -24.74 15.54
N GLU A 351 -28.88 -26.06 15.67
CA GLU A 351 -28.87 -26.74 16.97
C GLU A 351 -27.84 -27.82 16.93
N VAL A 352 -26.88 -27.77 17.84
CA VAL A 352 -25.88 -28.83 17.94
C VAL A 352 -26.21 -29.68 19.15
N GLY A 353 -26.78 -30.86 18.88
CA GLY A 353 -27.32 -31.75 19.90
C GLY A 353 -28.75 -31.39 20.30
N SER A 354 -29.41 -32.31 20.99
CA SER A 354 -30.79 -32.14 21.44
C SER A 354 -30.84 -31.34 22.73
N ASP A 355 -31.98 -30.69 23.00
CA ASP A 355 -32.22 -30.06 24.31
C ASP A 355 -32.02 -31.11 25.40
N GLY A 356 -31.14 -30.83 26.35
CA GLY A 356 -30.88 -31.75 27.44
C GLY A 356 -29.81 -32.81 27.17
N ALA A 357 -29.16 -32.74 26.00
CA ALA A 357 -28.10 -33.70 25.64
C ALA A 357 -27.07 -33.77 26.76
N SER A 358 -26.68 -34.98 27.16
CA SER A 358 -25.77 -35.17 28.29
C SER A 358 -24.61 -36.15 27.99
N GLY A 359 -24.58 -36.66 26.77
CA GLY A 359 -23.53 -37.58 26.36
C GLY A 359 -22.14 -36.96 26.35
N ASP A 360 -21.14 -37.80 26.57
CA ASP A 360 -19.76 -37.35 26.54
C ASP A 360 -19.15 -37.50 25.14
N HIS A 361 -18.54 -36.43 24.64
CA HIS A 361 -17.90 -36.53 23.33
C HIS A 361 -16.46 -36.05 23.36
N ALA A 362 -15.79 -36.17 24.50
CA ALA A 362 -14.45 -35.58 24.64
C ALA A 362 -13.42 -36.17 23.67
N ALA A 363 -13.43 -37.49 23.52
CA ALA A 363 -12.47 -38.13 22.64
C ALA A 363 -12.66 -37.77 21.17
N ASN A 364 -13.90 -37.47 20.78
CA ASN A 364 -14.21 -37.22 19.37
C ASN A 364 -15.36 -36.26 19.27
N PRO A 365 -15.08 -34.99 19.50
CA PRO A 365 -16.15 -33.99 19.58
C PRO A 365 -16.77 -33.67 18.22
N THR A 366 -17.95 -33.06 18.26
CA THR A 366 -18.51 -32.40 17.10
C THR A 366 -17.96 -30.99 17.00
N SER A 367 -17.74 -30.51 15.79
CA SER A 367 -17.26 -29.15 15.60
C SER A 367 -18.01 -28.38 14.55
N LEU A 368 -18.11 -27.07 14.76
CA LEU A 368 -18.53 -26.12 13.73
C LEU A 368 -17.29 -25.28 13.40
N GLN A 369 -16.95 -25.20 12.12
CA GLN A 369 -15.79 -24.41 11.67
C GLN A 369 -16.16 -23.57 10.46
N ASP A 370 -15.85 -22.29 10.48
CA ASP A 370 -16.24 -21.41 9.39
C ASP A 370 -17.74 -21.56 9.11
N VAL A 371 -18.52 -21.54 10.18
CA VAL A 371 -19.96 -21.53 10.09
C VAL A 371 -20.37 -20.11 10.42
N PHE A 372 -21.06 -19.50 9.49
CA PHE A 372 -21.43 -18.10 9.62
C PHE A 372 -22.93 -18.02 9.61
N VAL A 373 -23.50 -17.07 10.36
CA VAL A 373 -24.95 -16.85 10.36
C VAL A 373 -25.22 -15.40 10.05
N ARG A 374 -26.23 -15.16 9.22
CA ARG A 374 -26.70 -13.82 8.90
C ARG A 374 -28.20 -13.71 9.13
N ILE A 375 -28.63 -12.63 9.79
CA ILE A 375 -30.04 -12.34 9.92
C ILE A 375 -30.31 -10.96 9.31
N GLY A 376 -30.95 -10.94 8.14
CA GLY A 376 -31.25 -9.70 7.43
C GLY A 376 -30.07 -9.27 6.56
N GLY A 377 -30.24 -8.18 5.82
CA GLY A 377 -29.16 -7.62 5.02
C GLY A 377 -29.33 -7.91 3.56
N ALA A 378 -29.76 -9.13 3.25
CA ALA A 378 -30.07 -9.49 1.86
C ALA A 378 -31.58 -9.69 1.71
N GLY A 379 -32.34 -8.89 2.45
CA GLY A 379 -33.78 -9.08 2.57
C GLY A 379 -34.10 -9.29 4.05
N PRO A 380 -35.36 -9.10 4.45
CA PRO A 380 -35.71 -9.28 5.86
C PRO A 380 -35.47 -10.72 6.31
N GLY A 381 -34.93 -10.88 7.53
CA GLY A 381 -34.67 -12.22 8.09
C GLY A 381 -34.91 -12.09 9.58
N LYS A 382 -35.36 -13.18 10.22
CA LYS A 382 -35.68 -13.15 11.65
C LYS A 382 -35.36 -14.51 12.27
N ALA A 383 -34.72 -14.49 13.44
CA ALA A 383 -34.51 -15.72 14.19
C ALA A 383 -34.37 -15.39 15.67
N THR A 384 -34.93 -16.20 16.55
CA THR A 384 -34.88 -15.90 17.99
C THR A 384 -33.51 -16.21 18.57
N THR A 385 -33.02 -17.44 18.36
CA THR A 385 -31.66 -17.80 18.79
C THR A 385 -30.94 -18.40 17.58
N SER A 386 -29.77 -17.87 17.25
CA SER A 386 -29.12 -18.35 16.02
C SER A 386 -28.43 -19.72 16.16
N ILE A 387 -27.53 -19.88 17.12
CA ILE A 387 -26.88 -21.18 17.35
C ILE A 387 -27.07 -21.62 18.80
N VAL A 388 -27.67 -22.80 19.00
CA VAL A 388 -27.76 -23.40 20.33
C VAL A 388 -26.82 -24.58 20.38
N VAL A 389 -25.84 -24.53 21.30
CA VAL A 389 -24.88 -25.63 21.41
C VAL A 389 -25.24 -26.46 22.64
N ASN A 390 -25.98 -27.54 22.42
CA ASN A 390 -26.37 -28.44 23.48
C ASN A 390 -25.31 -29.47 23.83
N SER A 391 -24.61 -29.98 22.81
CA SER A 391 -23.75 -31.15 23.03
C SER A 391 -22.48 -30.81 23.82
N ASN A 392 -22.18 -31.64 24.80
CA ASN A 392 -20.93 -31.52 25.54
C ASN A 392 -19.74 -31.62 24.59
N ASP A 393 -18.67 -30.91 24.91
CA ASP A 393 -17.35 -31.06 24.27
C ASP A 393 -17.25 -30.47 22.87
N THR A 394 -18.30 -29.78 22.43
CA THR A 394 -18.32 -29.21 21.09
C THR A 394 -17.24 -28.16 20.93
N ILE A 395 -16.61 -28.14 19.77
CA ILE A 395 -15.67 -27.09 19.41
C ILE A 395 -16.30 -26.15 18.40
N ILE A 396 -16.28 -24.86 18.70
CA ILE A 396 -16.70 -23.84 17.75
CA ILE A 396 -16.69 -23.85 17.75
C ILE A 396 -15.44 -23.09 17.36
N ASP A 397 -14.92 -23.38 16.18
CA ASP A 397 -13.63 -22.85 15.75
C ASP A 397 -13.80 -21.97 14.50
N HIS A 398 -13.92 -20.66 14.77
CA HIS A 398 -14.29 -19.62 13.82
C HIS A 398 -15.76 -19.56 13.48
N THR A 399 -16.47 -18.64 14.10
CA THR A 399 -17.86 -18.39 13.72
C THR A 399 -18.06 -16.89 13.68
N TRP A 400 -18.92 -16.41 12.78
CA TRP A 400 -19.41 -15.04 12.80
C TRP A 400 -20.90 -15.16 12.73
N VAL A 401 -21.56 -14.67 13.78
CA VAL A 401 -23.00 -14.76 13.93
C VAL A 401 -23.46 -13.32 13.95
N TRP A 402 -24.14 -12.91 12.88
CA TRP A 402 -24.29 -11.50 12.58
C TRP A 402 -25.71 -11.08 12.27
N ARG A 403 -26.32 -10.30 13.15
CA ARG A 403 -27.57 -9.62 12.84
C ARG A 403 -27.21 -8.40 12.01
N ALA A 404 -27.75 -8.27 10.80
CA ALA A 404 -27.29 -7.23 9.87
C ALA A 404 -27.53 -5.82 10.40
N ASP A 405 -26.53 -4.96 10.25
CA ASP A 405 -26.70 -3.54 10.56
C ASP A 405 -26.85 -2.67 9.31
N HIS A 406 -26.69 -3.26 8.12
CA HIS A 406 -26.86 -2.52 6.87
C HIS A 406 -27.37 -3.48 5.80
N GLY A 407 -27.78 -2.94 4.67
CA GLY A 407 -28.32 -3.76 3.58
C GLY A 407 -29.84 -3.65 3.58
N GLU A 408 -30.50 -4.59 2.92
CA GLU A 408 -31.96 -4.58 2.81
C GLU A 408 -32.60 -5.43 3.88
N GLY A 409 -33.76 -5.00 4.37
CA GLY A 409 -34.47 -5.77 5.36
C GLY A 409 -33.91 -5.64 6.76
N VAL A 410 -33.43 -4.45 7.12
CA VAL A 410 -32.83 -4.18 8.43
C VAL A 410 -33.69 -3.21 9.24
N GLY A 411 -33.90 -3.54 10.50
CA GLY A 411 -34.61 -2.67 11.42
C GLY A 411 -34.78 -3.36 12.75
N TRP A 412 -34.95 -2.58 13.80
CA TRP A 412 -35.05 -3.09 15.16
C TRP A 412 -36.07 -4.24 15.25
N GLU A 413 -37.20 -4.07 14.56
CA GLU A 413 -38.16 -5.17 14.43
C GLU A 413 -38.00 -5.95 13.12
N THR A 414 -37.76 -5.24 12.02
CA THR A 414 -37.67 -5.87 10.69
C THR A 414 -36.74 -7.09 10.63
N ASN A 415 -35.56 -6.98 11.27
CA ASN A 415 -34.67 -8.14 11.32
C ASN A 415 -34.31 -8.42 12.76
N ARG A 416 -35.31 -8.40 13.63
CA ARG A 416 -35.09 -8.75 15.04
C ARG A 416 -34.45 -10.13 15.16
N ALA A 417 -33.38 -10.17 15.93
CA ALA A 417 -32.72 -11.43 16.28
C ALA A 417 -32.29 -11.29 17.74
N ASP A 418 -32.98 -11.98 18.66
CA ASP A 418 -32.75 -11.69 20.09
C ASP A 418 -31.44 -12.19 20.63
N TYR A 419 -31.09 -13.43 20.30
CA TYR A 419 -29.95 -14.09 20.89
C TYR A 419 -29.05 -14.67 19.80
N GLY A 420 -27.72 -14.50 19.93
CA GLY A 420 -26.80 -15.03 18.94
C GLY A 420 -26.42 -16.47 19.18
N VAL A 421 -25.60 -16.73 20.19
CA VAL A 421 -25.15 -18.08 20.51
C VAL A 421 -25.55 -18.36 21.95
N HIS A 422 -26.12 -19.53 22.19
CA HIS A 422 -26.41 -19.99 23.53
C HIS A 422 -25.72 -21.32 23.75
N VAL A 423 -24.73 -21.33 24.65
CA VAL A 423 -24.00 -22.57 24.95
C VAL A 423 -24.54 -23.26 26.20
N LYS A 424 -25.15 -24.42 26.01
CA LYS A 424 -25.72 -25.18 27.12
C LYS A 424 -24.88 -26.40 27.52
N GLY A 425 -24.08 -26.93 26.58
CA GLY A 425 -23.24 -28.09 26.86
C GLY A 425 -22.06 -27.77 27.76
N ASP A 426 -21.50 -28.82 28.36
CA ASP A 426 -20.33 -28.69 29.23
C ASP A 426 -19.06 -28.89 28.41
N ASN A 427 -17.96 -28.30 28.88
CA ASN A 427 -16.64 -28.45 28.23
C ASN A 427 -16.62 -28.00 26.77
N VAL A 428 -17.42 -26.98 26.47
CA VAL A 428 -17.44 -26.44 25.11
C VAL A 428 -16.29 -25.46 24.95
N LEU A 429 -15.66 -25.46 23.78
CA LEU A 429 -14.57 -24.54 23.50
C LEU A 429 -14.87 -23.69 22.28
N ALA A 430 -14.79 -22.36 22.41
CA ALA A 430 -14.92 -21.46 21.27
C ALA A 430 -13.57 -20.83 21.01
N THR A 431 -13.08 -20.95 19.78
CA THR A 431 -11.82 -20.30 19.41
C THR A 431 -12.11 -19.40 18.21
N GLY A 432 -12.03 -18.10 18.40
CA GLY A 432 -12.35 -17.15 17.32
C GLY A 432 -13.85 -16.92 17.19
N LEU A 433 -14.44 -16.36 18.24
CA LEU A 433 -15.87 -16.15 18.34
C LEU A 433 -16.24 -14.69 18.00
N PHE A 434 -17.03 -14.46 16.94
CA PHE A 434 -17.42 -13.11 16.51
C PHE A 434 -18.95 -13.08 16.49
N VAL A 435 -19.60 -12.29 17.33
CA VAL A 435 -21.07 -12.27 17.39
C VAL A 435 -21.52 -10.81 17.51
N GLU A 436 -22.42 -10.35 16.64
CA GLU A 436 -22.74 -8.92 16.62
C GLU A 436 -24.21 -8.58 16.39
N HIS A 437 -24.69 -7.59 17.16
CA HIS A 437 -25.86 -6.77 16.87
C HIS A 437 -27.21 -7.34 17.33
N PHE A 438 -27.18 -8.36 18.18
CA PHE A 438 -28.41 -9.00 18.65
C PHE A 438 -29.24 -8.09 19.57
N ASN A 439 -30.57 -8.22 19.51
CA ASN A 439 -31.42 -7.31 20.31
C ASN A 439 -31.24 -7.52 21.81
N LYS A 440 -30.91 -8.74 22.21
CA LYS A 440 -30.67 -9.05 23.62
C LYS A 440 -29.25 -9.60 23.83
N TYR A 441 -29.06 -10.74 24.51
CA TYR A 441 -27.70 -11.22 24.75
C TYR A 441 -27.06 -11.79 23.49
N ASP A 442 -25.91 -11.25 23.08
CA ASP A 442 -25.24 -11.82 21.90
C ASP A 442 -24.78 -13.24 22.16
N VAL A 443 -24.12 -13.46 23.29
CA VAL A 443 -23.70 -14.80 23.72
C VAL A 443 -24.14 -15.04 25.15
N GLN A 444 -24.74 -16.20 25.38
CA GLN A 444 -25.09 -16.66 26.73
CA GLN A 444 -25.07 -16.64 26.73
C GLN A 444 -24.45 -18.01 26.95
N TRP A 445 -23.84 -18.22 28.12
CA TRP A 445 -23.15 -19.48 28.39
C TRP A 445 -23.68 -20.05 29.69
N SER A 446 -24.34 -21.19 29.59
CA SER A 446 -25.02 -21.84 30.70
C SER A 446 -24.32 -23.14 31.14
N GLY A 447 -23.59 -23.78 30.22
CA GLY A 447 -22.88 -25.01 30.55
C GLY A 447 -21.64 -24.79 31.38
N GLU A 448 -21.13 -25.87 31.97
CA GLU A 448 -19.94 -25.83 32.82
C GLU A 448 -18.64 -25.93 32.03
N ASN A 449 -17.56 -25.44 32.63
CA ASN A 449 -16.22 -25.57 32.08
C ASN A 449 -16.07 -25.09 30.66
N GLY A 450 -16.80 -24.03 30.31
CA GLY A 450 -16.64 -23.41 29.01
C GLY A 450 -15.35 -22.63 28.89
N LYS A 451 -14.83 -22.51 27.67
CA LYS A 451 -13.66 -21.69 27.40
C LYS A 451 -13.85 -20.94 26.09
N THR A 452 -13.57 -19.63 26.12
CA THR A 452 -13.53 -18.83 24.89
C THR A 452 -12.17 -18.21 24.75
N ILE A 453 -11.54 -18.42 23.60
CA ILE A 453 -10.27 -17.78 23.27
C ILE A 453 -10.56 -16.90 22.08
N PHE A 454 -10.57 -15.59 22.36
CA PHE A 454 -10.91 -14.50 21.44
C PHE A 454 -12.41 -14.33 21.23
N TYR A 455 -12.89 -13.14 21.60
CA TYR A 455 -14.26 -12.73 21.33
C TYR A 455 -14.30 -11.32 20.78
N GLN A 456 -15.08 -11.13 19.73
CA GLN A 456 -15.35 -9.80 19.18
C GLN A 456 -16.86 -9.62 19.07
N ASN A 457 -17.34 -8.51 19.60
CA ASN A 457 -18.76 -8.17 19.56
C ASN A 457 -18.96 -6.70 19.20
N GLU A 458 -20.06 -6.41 18.51
CA GLU A 458 -20.65 -5.07 18.55
C GLU A 458 -22.09 -5.17 19.05
N LYS A 459 -22.51 -4.21 19.87
CA LYS A 459 -23.92 -4.14 20.29
C LYS A 459 -24.79 -3.57 19.17
N ALA A 460 -26.07 -3.97 19.17
CA ALA A 460 -27.03 -3.48 18.19
C ALA A 460 -27.00 -1.95 18.11
N TYR A 461 -26.97 -1.43 16.89
CA TYR A 461 -26.90 0.00 16.66
C TYR A 461 -28.26 0.69 16.84
N ASP A 462 -29.31 -0.08 16.65
CA ASP A 462 -30.63 0.49 16.34
C ASP A 462 -31.65 0.42 17.47
N ALA A 463 -31.20 0.12 18.70
CA ALA A 463 -32.11 0.24 19.85
C ALA A 463 -32.70 1.66 19.85
N PRO A 464 -34.04 1.76 19.94
CA PRO A 464 -34.61 3.12 19.78
C PRO A 464 -34.46 3.98 21.02
N ASP A 465 -34.35 3.37 22.19
CA ASP A 465 -34.25 4.13 23.44
C ASP A 465 -33.77 3.19 24.56
N GLN A 466 -33.53 3.77 25.75
CA GLN A 466 -32.98 3.02 26.86
C GLN A 466 -33.92 1.88 27.25
N ALA A 467 -35.23 2.14 27.27
CA ALA A 467 -36.20 1.11 27.66
C ALA A 467 -36.12 -0.15 26.78
N ALA A 468 -35.82 0.04 25.49
CA ALA A 468 -35.78 -1.07 24.53
C ALA A 468 -34.73 -2.11 24.90
N ILE A 469 -33.73 -1.71 25.67
CA ILE A 469 -32.69 -2.66 26.07
C ILE A 469 -32.63 -2.83 27.59
N GLN A 470 -33.68 -2.43 28.30
CA GLN A 470 -33.74 -2.66 29.74
C GLN A 470 -33.84 -4.17 30.02
N ASN A 471 -32.97 -4.66 30.91
CA ASN A 471 -32.75 -6.06 31.14
C ASN A 471 -32.92 -6.23 32.66
N GLY A 472 -34.16 -6.33 33.11
CA GLY A 472 -34.44 -6.33 34.53
C GLY A 472 -34.00 -5.01 35.14
N ASP A 473 -33.11 -5.08 36.12
CA ASP A 473 -32.59 -3.86 36.71
C ASP A 473 -31.22 -3.51 36.13
N ILE A 474 -30.91 -4.07 34.97
CA ILE A 474 -29.65 -3.76 34.27
C ILE A 474 -29.95 -2.97 32.99
N LYS A 475 -29.17 -1.93 32.73
CA LYS A 475 -29.24 -1.22 31.44
C LYS A 475 -28.51 -2.00 30.38
N GLY A 476 -29.24 -2.56 29.43
CA GLY A 476 -28.61 -3.31 28.37
C GLY A 476 -28.40 -4.78 28.69
N TYR A 477 -28.14 -5.56 27.64
CA TYR A 477 -27.84 -6.97 27.76
C TYR A 477 -26.37 -7.15 27.48
N ALA A 478 -25.65 -7.86 28.34
CA ALA A 478 -24.23 -8.12 28.05
C ALA A 478 -24.04 -8.72 26.66
N ALA A 479 -22.92 -8.37 26.04
CA ALA A 479 -22.48 -9.07 24.83
C ALA A 479 -22.09 -10.51 25.14
N TYR A 480 -21.67 -10.79 26.37
CA TYR A 480 -21.24 -12.13 26.75
C TYR A 480 -21.63 -12.34 28.19
N LYS A 481 -22.57 -13.25 28.41
CA LYS A 481 -23.20 -13.49 29.71
C LYS A 481 -22.91 -14.90 30.13
N VAL A 482 -22.21 -15.07 31.25
CA VAL A 482 -22.09 -16.37 31.87
C VAL A 482 -23.17 -16.46 32.94
N ASP A 483 -24.04 -17.47 32.85
CA ASP A 483 -25.12 -17.61 33.80
C ASP A 483 -24.59 -17.68 35.24
N ASP A 484 -25.35 -17.10 36.16
CA ASP A 484 -24.88 -17.00 37.55
C ASP A 484 -24.75 -18.34 38.26
N SER A 485 -25.38 -19.38 37.73
CA SER A 485 -25.25 -20.71 38.31
C SER A 485 -23.93 -21.38 37.95
N VAL A 486 -23.23 -20.87 36.95
CA VAL A 486 -22.02 -21.56 36.48
C VAL A 486 -20.89 -21.53 37.54
N THR A 487 -20.20 -22.65 37.72
CA THR A 487 -19.11 -22.77 38.67
CA THR A 487 -19.11 -22.77 38.68
C THR A 487 -17.75 -22.54 38.04
N THR A 488 -17.57 -22.98 36.79
CA THR A 488 -16.27 -22.93 36.14
CA THR A 488 -16.28 -22.93 36.13
C THR A 488 -16.42 -22.40 34.71
N HIS A 489 -15.61 -21.39 34.38
CA HIS A 489 -15.62 -20.76 33.05
C HIS A 489 -14.34 -19.97 32.88
N GLU A 490 -13.80 -19.88 31.66
CA GLU A 490 -12.64 -19.03 31.47
C GLU A 490 -12.64 -18.44 30.05
N GLY A 491 -12.35 -17.14 29.95
CA GLY A 491 -12.32 -16.43 28.67
C GLY A 491 -11.05 -15.58 28.58
N TRP A 492 -10.50 -15.48 27.36
CA TRP A 492 -9.31 -14.70 27.09
C TRP A 492 -9.50 -13.81 25.86
N GLY A 493 -9.17 -12.52 25.99
CA GLY A 493 -9.05 -11.64 24.84
C GLY A 493 -10.39 -11.28 24.24
N MSE A 494 -11.18 -10.51 24.97
CA MSE A 494 -12.60 -10.35 24.60
C MSE A 494 -13.01 -8.89 24.59
O MSE A 494 -12.75 -8.15 25.56
CB MSE A 494 -13.46 -11.15 25.58
CG MSE A 494 -13.05 -12.62 25.71
SE MSE A 494 -14.46 -13.81 26.43
CE MSE A 494 -15.35 -12.59 27.61
N GLY A 495 -13.64 -8.46 23.51
CA GLY A 495 -14.04 -7.07 23.37
C GLY A 495 -15.45 -6.88 22.86
N SER A 496 -16.13 -5.86 23.38
CA SER A 496 -17.47 -5.46 22.95
C SER A 496 -17.47 -3.98 22.64
N TYR A 497 -18.02 -3.60 21.48
CA TYR A 497 -18.02 -2.19 21.07
C TYR A 497 -19.44 -1.74 20.81
N CYS A 498 -19.71 -0.46 21.06
CA CYS A 498 -21.07 0.06 20.82
C CYS A 498 -21.08 1.19 19.81
N TYR A 499 -22.23 1.33 19.15
CA TYR A 499 -22.45 2.38 18.17
C TYR A 499 -23.96 2.60 18.11
N PHE A 500 -24.49 3.20 19.16
CA PHE A 500 -25.93 3.47 19.27
C PHE A 500 -26.24 4.69 18.43
N ASN A 501 -26.32 4.51 17.12
CA ASN A 501 -26.44 5.69 16.26
C ASN A 501 -27.85 6.22 16.15
N VAL A 502 -28.85 5.36 16.40
CA VAL A 502 -30.23 5.81 16.41
C VAL A 502 -30.48 6.72 17.62
N ASN A 503 -29.90 6.34 18.76
CA ASN A 503 -30.03 7.09 20.00
C ASN A 503 -28.73 7.10 20.82
N PRO A 504 -27.84 8.05 20.54
CA PRO A 504 -26.50 8.09 21.16
C PRO A 504 -26.53 8.39 22.66
N ASP A 505 -27.70 8.69 23.23
CA ASP A 505 -27.83 8.93 24.66
C ASP A 505 -28.00 7.64 25.45
N ILE A 506 -28.11 6.50 24.75
CA ILE A 506 -28.24 5.22 25.41
C ILE A 506 -26.94 4.88 26.14
N ARG A 507 -27.07 4.27 27.33
CA ARG A 507 -25.92 3.77 28.06
C ARG A 507 -26.03 2.26 28.25
N GLN A 508 -24.93 1.57 28.00
CA GLN A 508 -24.84 0.13 28.12
C GLN A 508 -24.12 -0.17 29.43
N GLN A 509 -24.71 -0.93 30.34
CA GLN A 509 -24.08 -1.08 31.66
C GLN A 509 -22.69 -1.75 31.58
N HIS A 510 -22.58 -2.79 30.75
CA HIS A 510 -21.33 -3.53 30.63
C HIS A 510 -21.26 -4.30 29.33
N GLY A 511 -20.05 -4.72 28.96
CA GLY A 511 -19.89 -5.67 27.88
C GLY A 511 -20.10 -7.11 28.30
N PHE A 512 -19.78 -7.41 29.56
CA PHE A 512 -19.65 -8.79 30.06
C PHE A 512 -20.37 -8.91 31.37
N GLN A 513 -21.01 -10.04 31.61
CA GLN A 513 -21.64 -10.27 32.93
C GLN A 513 -21.38 -11.70 33.34
N ALA A 514 -20.98 -11.91 34.60
CA ALA A 514 -20.64 -13.23 35.09
C ALA A 514 -20.73 -13.28 36.59
N PRO A 515 -20.91 -14.48 37.15
CA PRO A 515 -20.91 -14.56 38.62
C PRO A 515 -19.50 -14.31 39.16
N VAL A 516 -19.40 -14.01 40.45
CA VAL A 516 -18.14 -13.80 41.16
C VAL A 516 -17.83 -15.06 41.93
N LYS A 517 -16.95 -15.88 41.37
CA LYS A 517 -16.61 -17.20 41.93
C LYS A 517 -15.17 -17.52 41.56
N PRO A 518 -14.48 -18.30 42.39
CA PRO A 518 -13.07 -18.57 42.13
C PRO A 518 -12.78 -19.22 40.77
N GLY A 519 -13.73 -20.05 40.28
CA GLY A 519 -13.50 -20.76 39.05
C GLY A 519 -14.05 -20.09 37.79
N VAL A 520 -14.58 -18.87 37.92
CA VAL A 520 -15.08 -18.11 36.77
C VAL A 520 -14.12 -16.95 36.55
N LYS A 521 -13.28 -17.06 35.54
CA LYS A 521 -12.18 -16.12 35.33
C LYS A 521 -12.18 -15.52 33.94
N PHE A 522 -11.82 -14.24 33.84
CA PHE A 522 -11.58 -13.63 32.55
C PHE A 522 -10.23 -12.94 32.53
N HIS A 523 -9.64 -12.89 31.33
CA HIS A 523 -8.34 -12.27 31.09
C HIS A 523 -8.46 -11.38 29.88
N ASP A 524 -8.11 -10.10 30.04
CA ASP A 524 -8.01 -9.14 28.95
C ASP A 524 -9.36 -8.84 28.31
N LEU A 525 -10.17 -8.05 29.01
CA LEU A 525 -11.48 -7.60 28.56
C LEU A 525 -11.41 -6.15 28.17
N LEU A 526 -12.22 -5.77 27.19
CA LEU A 526 -12.32 -4.35 26.83
C LEU A 526 -13.69 -4.02 26.29
N VAL A 527 -14.09 -2.77 26.48
CA VAL A 527 -15.26 -2.20 25.82
C VAL A 527 -14.85 -0.89 25.14
N VAL A 528 -15.52 -0.55 24.04
CA VAL A 528 -15.17 0.62 23.27
C VAL A 528 -16.45 1.25 22.71
N SER A 529 -16.58 2.57 22.84
CA SER A 529 -17.64 3.28 22.14
C SER A 529 -17.09 3.80 20.82
N LEU A 530 -17.76 3.48 19.72
CA LEU A 530 -17.33 3.95 18.42
C LEU A 530 -17.82 5.39 18.22
N GLY A 531 -16.91 6.36 18.27
CA GLY A 531 -17.26 7.74 18.02
C GLY A 531 -18.28 8.36 18.96
N GLY A 532 -18.33 7.90 20.20
CA GLY A 532 -19.21 8.51 21.16
C GLY A 532 -20.69 8.21 20.95
N LYS A 533 -21.00 7.21 20.12
CA LYS A 533 -22.42 6.87 19.91
C LYS A 533 -22.85 5.87 20.96
N GLY A 534 -23.37 6.39 22.08
CA GLY A 534 -23.56 5.61 23.29
C GLY A 534 -22.26 5.51 24.06
N GLN A 535 -22.36 5.00 25.30
CA GLN A 535 -21.19 4.74 26.11
C GLN A 535 -21.46 3.53 27.00
N TYR A 536 -20.40 2.89 27.45
CA TYR A 536 -20.47 1.83 28.46
C TYR A 536 -20.29 2.47 29.84
N GLU A 537 -21.03 1.98 30.83
CA GLU A 537 -20.87 2.43 32.21
C GLU A 537 -19.71 1.71 32.90
N HIS A 538 -19.47 0.48 32.46
CA HIS A 538 -18.49 -0.42 33.06
C HIS A 538 -18.02 -1.43 32.01
N VAL A 539 -17.03 -2.24 32.38
CA VAL A 539 -16.53 -3.28 31.50
C VAL A 539 -17.24 -4.62 31.73
N ILE A 540 -17.23 -5.08 32.98
CA ILE A 540 -17.84 -6.35 33.35
C ILE A 540 -18.60 -6.12 34.65
N ASN A 541 -19.82 -6.65 34.73
CA ASN A 541 -20.68 -6.41 35.90
C ASN A 541 -20.76 -4.91 36.22
N ASP A 542 -20.40 -4.49 37.44
CA ASP A 542 -20.35 -3.07 37.78
C ASP A 542 -18.89 -2.64 38.02
N ILE A 543 -17.97 -3.28 37.29
CA ILE A 543 -16.53 -3.13 37.45
C ILE A 543 -15.87 -2.51 36.22
N GLY A 544 -15.01 -1.52 36.45
CA GLY A 544 -14.19 -0.95 35.41
C GLY A 544 -14.73 0.39 35.00
N ASP A 545 -13.88 1.17 34.35
CA ASP A 545 -14.24 2.55 34.05
C ASP A 545 -15.17 2.67 32.86
N PRO A 546 -16.06 3.68 32.89
CA PRO A 546 -16.90 3.92 31.72
C PRO A 546 -16.07 4.41 30.54
N THR A 547 -16.61 4.22 29.34
CA THR A 547 -16.06 4.91 28.17
C THR A 547 -16.54 6.36 28.20
N SER A 548 -15.78 7.26 27.59
CA SER A 548 -16.15 8.67 27.59
C SER A 548 -15.60 9.35 26.34
N GLY A 549 -16.18 10.48 25.99
CA GLY A 549 -15.76 11.20 24.80
C GLY A 549 -16.15 10.52 23.51
N ASP A 550 -15.58 11.01 22.43
CA ASP A 550 -15.90 10.52 21.10
C ASP A 550 -14.68 10.04 20.34
N THR A 551 -13.61 9.71 21.06
CA THR A 551 -12.35 9.38 20.41
C THR A 551 -12.05 7.88 20.37
N THR A 552 -13.01 7.05 20.76
CA THR A 552 -12.92 5.62 20.54
C THR A 552 -11.72 4.98 21.30
N ILE A 553 -11.57 5.35 22.57
CA ILE A 553 -10.51 4.76 23.39
C ILE A 553 -11.08 3.65 24.26
N PRO A 554 -10.48 2.46 24.21
CA PRO A 554 -11.03 1.32 24.97
C PRO A 554 -10.95 1.53 26.48
N SER A 555 -11.91 0.98 27.22
CA SER A 555 -11.78 0.80 28.67
C SER A 555 -11.50 -0.68 28.92
N GLN A 556 -10.47 -0.98 29.73
CA GLN A 556 -9.95 -2.32 29.81
C GLN A 556 -9.97 -2.86 31.24
N VAL A 557 -10.08 -4.19 31.35
CA VAL A 557 -9.86 -4.90 32.62
C VAL A 557 -8.90 -6.05 32.33
N VAL A 558 -7.79 -6.13 33.07
CA VAL A 558 -6.82 -7.19 32.81
C VAL A 558 -7.25 -8.54 33.38
N SER A 559 -7.71 -8.54 34.63
CA SER A 559 -8.09 -9.78 35.30
C SER A 559 -9.42 -9.63 36.03
N PHE A 560 -10.27 -10.65 35.89
CA PHE A 560 -11.49 -10.78 36.69
C PHE A 560 -11.57 -12.23 37.16
N PRO A 561 -11.97 -12.47 38.42
CA PRO A 561 -12.35 -11.46 39.40
C PRO A 561 -11.08 -10.92 40.05
N GLU B 13 8.93 33.56 -42.03
CA GLU B 13 8.75 33.98 -40.65
C GLU B 13 8.00 32.90 -39.84
N VAL B 14 8.26 32.84 -38.54
CA VAL B 14 7.65 31.81 -37.72
C VAL B 14 6.37 32.36 -37.09
N VAL B 15 5.33 31.54 -37.05
CA VAL B 15 4.06 31.97 -36.47
C VAL B 15 3.94 31.50 -35.01
N GLY B 16 3.60 32.43 -34.13
CA GLY B 16 3.39 32.12 -32.72
C GLY B 16 2.00 31.53 -32.44
N GLY B 17 1.91 30.81 -31.33
CA GLY B 17 0.66 30.23 -30.87
C GLY B 17 0.21 29.02 -31.66
N GLY B 18 -1.08 28.72 -31.61
CA GLY B 18 -1.62 27.57 -32.31
C GLY B 18 -1.84 26.37 -31.41
N ASP B 19 -2.35 25.29 -31.99
CA ASP B 19 -2.74 24.14 -31.20
C ASP B 19 -1.54 23.39 -30.65
N LEU B 20 -1.76 22.68 -29.55
CA LEU B 20 -0.67 22.03 -28.83
C LEU B 20 -0.35 20.65 -29.37
N GLY B 21 -1.11 20.17 -30.35
CA GLY B 21 -0.81 18.85 -30.91
C GLY B 21 -1.47 17.67 -30.21
N PRO B 22 -1.36 16.48 -30.81
CA PRO B 22 -2.14 15.33 -30.31
C PRO B 22 -1.52 14.65 -29.11
N ASN B 23 -0.30 15.02 -28.72
CA ASN B 23 0.29 14.43 -27.51
C ASN B 23 0.08 15.24 -26.26
N VAL B 24 -0.69 16.31 -26.37
CA VAL B 24 -1.15 17.03 -25.18
C VAL B 24 -2.63 16.74 -25.08
N LEU B 25 -3.00 15.92 -24.09
CA LEU B 25 -4.39 15.53 -23.86
C LEU B 25 -4.99 16.51 -22.88
N VAL B 26 -5.99 17.26 -23.33
CA VAL B 26 -6.63 18.28 -22.51
C VAL B 26 -8.01 17.80 -22.08
N PHE B 27 -8.23 17.80 -20.78
CA PHE B 27 -9.51 17.38 -20.20
C PHE B 27 -10.20 18.55 -19.55
N ASP B 28 -11.54 18.52 -19.60
CA ASP B 28 -12.35 19.30 -18.68
C ASP B 28 -13.28 18.30 -17.98
N PRO B 29 -14.01 18.75 -16.93
CA PRO B 29 -14.77 17.71 -16.20
C PRO B 29 -15.79 16.96 -17.06
N SER B 30 -16.24 17.56 -18.17
CA SER B 30 -17.23 16.93 -19.04
CA SER B 30 -17.23 16.93 -19.04
C SER B 30 -16.65 16.01 -20.13
N THR B 31 -15.33 15.93 -20.22
CA THR B 31 -14.71 15.06 -21.23
C THR B 31 -15.12 13.59 -21.08
N PRO B 32 -15.54 12.92 -22.18
CA PRO B 32 -15.92 11.49 -22.06
C PRO B 32 -14.80 10.60 -21.45
N ASP B 33 -15.15 9.81 -20.44
CA ASP B 33 -14.33 8.68 -19.95
C ASP B 33 -12.88 9.10 -19.69
N ILE B 34 -12.71 10.12 -18.84
CA ILE B 34 -11.38 10.58 -18.51
C ILE B 34 -10.55 9.43 -17.95
N GLN B 35 -11.15 8.65 -17.04
CA GLN B 35 -10.42 7.56 -16.42
C GLN B 35 -9.92 6.54 -17.46
N GLY B 36 -10.75 6.22 -18.44
CA GLY B 36 -10.31 5.28 -19.44
C GLY B 36 -9.16 5.84 -20.26
N LYS B 37 -9.19 7.15 -20.53
CA LYS B 37 -8.14 7.75 -21.33
C LYS B 37 -6.80 7.73 -20.60
N VAL B 38 -6.80 8.14 -19.34
CA VAL B 38 -5.56 8.16 -18.56
CA VAL B 38 -5.53 8.15 -18.60
C VAL B 38 -5.04 6.73 -18.34
N ASP B 39 -5.97 5.77 -18.21
CA ASP B 39 -5.60 4.35 -18.07
C ASP B 39 -4.97 3.79 -19.36
N GLU B 40 -5.47 4.25 -20.51
CA GLU B 40 -4.95 3.84 -21.81
C GLU B 40 -3.50 4.34 -21.95
N VAL B 41 -3.26 5.59 -21.59
CA VAL B 41 -1.91 6.12 -21.64
C VAL B 41 -1.02 5.32 -20.66
N PHE B 42 -1.53 5.08 -19.45
CA PHE B 42 -0.73 4.34 -18.47
C PHE B 42 -0.38 2.93 -18.94
N ARG B 43 -1.33 2.24 -19.58
CA ARG B 43 -1.05 0.89 -20.03
C ARG B 43 0.14 0.90 -21.00
N LYS B 44 0.17 1.89 -21.89
CA LYS B 44 1.25 2.04 -22.86
C LYS B 44 2.58 2.44 -22.20
N GLN B 45 2.53 3.27 -21.17
CA GLN B 45 3.73 3.91 -20.65
C GLN B 45 4.28 3.27 -19.38
N GLU B 46 3.50 2.41 -18.75
CA GLU B 46 3.84 1.85 -17.44
C GLU B 46 5.26 1.25 -17.35
N SER B 47 5.60 0.39 -18.31
CA SER B 47 6.93 -0.22 -18.29
CA SER B 47 6.89 -0.27 -18.32
C SER B 47 7.78 0.27 -19.44
N ASN B 48 7.37 1.40 -20.03
CA ASN B 48 8.02 1.90 -21.24
C ASN B 48 9.23 2.76 -20.90
N GLN B 49 10.25 2.13 -20.30
CA GLN B 49 11.33 2.89 -19.70
C GLN B 49 12.16 3.69 -20.73
N PHE B 50 12.32 3.14 -21.95
CA PHE B 50 13.24 3.73 -22.91
C PHE B 50 12.59 4.05 -24.25
N GLY B 51 11.27 3.93 -24.33
CA GLY B 51 10.56 4.23 -25.56
C GLY B 51 10.56 5.68 -25.94
N THR B 52 10.15 5.97 -27.17
CA THR B 52 10.14 7.34 -27.68
C THR B 52 8.79 8.07 -27.57
N ASP B 53 7.77 7.40 -27.06
CA ASP B 53 6.47 8.05 -26.89
C ASP B 53 6.49 9.04 -25.72
N ARG B 54 5.73 10.11 -25.85
CA ARG B 54 5.71 11.20 -24.86
C ARG B 54 4.27 11.72 -24.72
N TYR B 55 3.84 11.96 -23.49
CA TYR B 55 2.46 12.41 -23.23
C TYR B 55 2.41 13.50 -22.18
N ALA B 56 1.61 14.52 -22.44
CA ALA B 56 1.23 15.48 -21.38
C ALA B 56 -0.28 15.41 -21.15
N LEU B 57 -0.67 15.31 -19.89
CA LEU B 57 -2.08 15.30 -19.51
C LEU B 57 -2.34 16.63 -18.80
N MSE B 58 -3.29 17.41 -19.33
CA MSE B 58 -3.59 18.75 -18.84
CA MSE B 58 -3.57 18.72 -18.78
C MSE B 58 -5.05 18.85 -18.47
O MSE B 58 -5.92 18.50 -19.30
CB MSE B 58 -3.32 19.77 -19.93
CB MSE B 58 -3.10 19.82 -19.74
CG MSE B 58 -1.85 20.03 -20.18
CG MSE B 58 -1.72 19.51 -20.34
SE MSE B 58 -1.02 21.00 -18.72
SE MSE B 58 -0.63 21.03 -20.89
CE MSE B 58 0.72 21.20 -19.52
CE MSE B 58 -0.13 21.74 -19.13
N PHE B 59 -5.31 19.35 -17.27
CA PHE B 59 -6.68 19.42 -16.73
C PHE B 59 -7.13 20.85 -16.55
N LYS B 60 -8.21 21.21 -17.22
CA LYS B 60 -8.78 22.53 -17.08
C LYS B 60 -9.32 22.75 -15.66
N PRO B 61 -9.36 24.01 -15.22
CA PRO B 61 -9.90 24.28 -13.87
C PRO B 61 -11.28 23.66 -13.65
N GLY B 62 -11.47 23.12 -12.46
CA GLY B 62 -12.71 22.43 -12.11
C GLY B 62 -12.42 21.33 -11.11
N THR B 63 -13.44 20.53 -10.85
CA THR B 63 -13.34 19.42 -9.93
C THR B 63 -13.58 18.11 -10.68
N TYR B 64 -12.69 17.16 -10.47
CA TYR B 64 -12.76 15.86 -11.11
C TYR B 64 -12.99 14.74 -10.09
N ASN B 65 -14.08 14.02 -10.26
CA ASN B 65 -14.47 12.96 -9.33
C ASN B 65 -14.12 11.60 -9.90
N ASP B 66 -13.93 10.61 -9.03
CA ASP B 66 -13.78 9.22 -9.47
C ASP B 66 -12.60 9.08 -10.42
N ILE B 67 -11.48 9.64 -9.98
CA ILE B 67 -10.28 9.64 -10.80
C ILE B 67 -9.04 9.14 -10.05
N ASN B 68 -8.35 8.17 -10.64
CA ASN B 68 -7.05 7.75 -10.16
C ASN B 68 -6.12 7.81 -11.36
N ALA B 69 -5.35 8.87 -11.45
CA ALA B 69 -4.46 9.01 -12.59
C ALA B 69 -3.12 8.39 -12.30
N GLN B 70 -2.91 7.18 -12.82
CA GLN B 70 -1.64 6.48 -12.64
C GLN B 70 -0.70 6.98 -13.69
N ILE B 71 0.50 7.34 -13.26
CA ILE B 71 1.46 8.03 -14.12
C ILE B 71 2.65 7.11 -14.44
N GLY B 72 2.82 6.80 -15.73
CA GLY B 72 3.90 5.93 -16.20
C GLY B 72 5.09 6.75 -16.67
N PHE B 73 6.00 6.10 -17.41
CA PHE B 73 7.15 6.82 -17.98
C PHE B 73 6.72 7.93 -18.95
N TYR B 74 7.52 8.99 -18.99
CA TYR B 74 7.37 10.10 -19.96
C TYR B 74 5.96 10.67 -20.01
N THR B 75 5.37 10.80 -18.84
CA THR B 75 4.02 11.35 -18.72
C THR B 75 4.07 12.49 -17.74
N SER B 76 3.67 13.68 -18.19
CA SER B 76 3.48 14.80 -17.27
C SER B 76 1.99 14.97 -17.03
N ILE B 77 1.63 15.36 -15.81
CA ILE B 77 0.25 15.69 -15.50
C ILE B 77 0.20 17.04 -14.78
N ALA B 78 -0.76 17.89 -15.16
CA ALA B 78 -0.83 19.21 -14.52
C ALA B 78 -2.20 19.80 -14.63
N GLY B 79 -2.50 20.71 -13.71
CA GLY B 79 -3.68 21.55 -13.77
C GLY B 79 -3.42 22.84 -14.55
N LEU B 80 -4.48 23.49 -14.99
CA LEU B 80 -4.39 24.68 -15.84
C LEU B 80 -4.95 25.95 -15.17
N GLY B 81 -5.09 25.93 -13.83
CA GLY B 81 -5.45 27.13 -13.09
C GLY B 81 -4.22 27.99 -12.78
N LEU B 82 -4.43 29.20 -12.28
CA LEU B 82 -3.32 29.99 -11.82
C LEU B 82 -2.81 29.41 -10.51
N ASN B 83 -3.74 28.88 -9.72
CA ASN B 83 -3.40 28.30 -8.42
CA ASN B 83 -3.40 28.30 -8.42
C ASN B 83 -3.74 26.82 -8.38
N PRO B 84 -3.00 26.02 -7.57
CA PRO B 84 -3.30 24.57 -7.49
C PRO B 84 -4.76 24.25 -7.12
N ASP B 85 -5.37 25.04 -6.23
CA ASP B 85 -6.71 24.74 -5.77
C ASP B 85 -7.74 25.06 -6.84
N ASP B 86 -7.31 25.65 -7.95
CA ASP B 86 -8.22 25.85 -9.08
C ASP B 86 -8.55 24.55 -9.84
N THR B 87 -7.73 23.52 -9.67
CA THR B 87 -7.96 22.24 -10.37
C THR B 87 -7.83 21.12 -9.36
N THR B 88 -8.96 20.55 -8.97
CA THR B 88 -9.03 19.63 -7.83
C THR B 88 -9.50 18.26 -8.27
N PHE B 89 -8.78 17.23 -7.85
CA PHE B 89 -9.20 15.85 -8.00
C PHE B 89 -9.75 15.36 -6.67
N ASN B 90 -10.98 14.86 -6.67
CA ASN B 90 -11.43 13.99 -5.59
C ASN B 90 -10.99 12.60 -6.00
N GLY B 91 -9.75 12.30 -5.66
CA GLY B 91 -8.99 11.24 -6.28
C GLY B 91 -7.50 11.51 -6.21
N ASP B 92 -6.74 10.82 -7.08
CA ASP B 92 -5.31 10.65 -6.86
C ASP B 92 -4.49 10.85 -8.12
N VAL B 93 -3.23 11.24 -7.90
CA VAL B 93 -2.20 11.20 -8.93
C VAL B 93 -1.16 10.26 -8.41
N THR B 94 -1.08 9.07 -9.00
CA THR B 94 -0.41 7.93 -8.38
C THR B 94 0.79 7.45 -9.17
N VAL B 95 1.91 7.26 -8.49
CA VAL B 95 3.01 6.47 -9.02
C VAL B 95 3.32 5.35 -8.04
N ASP B 96 3.34 4.11 -8.56
CA ASP B 96 3.77 2.97 -7.77
C ASP B 96 4.70 2.09 -8.61
N ALA B 97 5.09 0.94 -8.09
CA ALA B 97 6.18 0.17 -8.69
C ALA B 97 5.76 -1.23 -9.06
N GLY B 98 4.48 -1.41 -9.37
CA GLY B 98 3.99 -2.74 -9.68
C GLY B 98 4.74 -3.39 -10.85
N TRP B 99 5.09 -2.60 -11.87
CA TRP B 99 5.72 -3.10 -13.10
C TRP B 99 7.11 -3.70 -12.83
N PHE B 100 7.73 -3.30 -11.71
CA PHE B 100 9.09 -3.71 -11.38
C PHE B 100 9.04 -4.46 -10.03
N ASP B 101 7.92 -5.14 -9.80
CA ASP B 101 7.69 -6.02 -8.64
C ASP B 101 7.92 -5.33 -7.30
N GLY B 102 7.53 -4.06 -7.23
CA GLY B 102 7.63 -3.31 -6.00
C GLY B 102 8.89 -2.47 -5.82
N ASN B 103 9.85 -2.62 -6.73
CA ASN B 103 11.10 -1.87 -6.67
C ASN B 103 10.90 -0.54 -7.43
N ALA B 104 11.00 0.57 -6.72
CA ALA B 104 10.68 1.89 -7.30
C ALA B 104 11.91 2.66 -7.79
N THR B 105 13.07 2.00 -7.79
CA THR B 105 14.32 2.67 -8.15
C THR B 105 14.49 3.02 -9.65
N GLN B 106 13.55 2.61 -10.50
CA GLN B 106 13.58 3.00 -11.91
C GLN B 106 12.35 3.82 -12.31
N ASN B 107 11.66 4.39 -11.33
CA ASN B 107 10.49 5.21 -11.63
C ASN B 107 10.90 6.62 -12.00
N PHE B 108 11.36 6.77 -13.25
CA PHE B 108 11.99 8.00 -13.73
C PHE B 108 11.09 8.78 -14.69
N TRP B 109 11.50 10.01 -15.00
CA TRP B 109 10.97 10.77 -16.17
C TRP B 109 9.45 10.96 -16.22
N ARG B 110 8.91 11.64 -15.23
CA ARG B 110 7.48 11.94 -15.20
C ARG B 110 7.29 13.14 -14.28
N SER B 111 6.10 13.70 -14.21
CA SER B 111 5.94 14.92 -13.41
C SER B 111 4.51 15.23 -13.05
N ALA B 112 4.31 15.90 -11.92
CA ALA B 112 2.99 16.37 -11.51
C ALA B 112 3.11 17.82 -11.11
N GLU B 113 2.19 18.67 -11.57
CA GLU B 113 2.24 20.09 -11.21
C GLU B 113 0.87 20.71 -11.12
N ASN B 114 0.69 21.63 -10.17
CA ASN B 114 -0.41 22.59 -10.18
C ASN B 114 -1.80 21.95 -10.05
N LEU B 115 -1.92 21.02 -9.11
CA LEU B 115 -3.19 20.33 -8.80
C LEU B 115 -3.41 20.29 -7.32
N ALA B 116 -4.67 20.27 -6.92
CA ALA B 116 -5.04 19.92 -5.54
C ALA B 116 -5.64 18.52 -5.54
N LEU B 117 -5.27 17.71 -4.56
CA LEU B 117 -5.70 16.33 -4.49
C LEU B 117 -6.40 16.05 -3.18
N ASN B 118 -7.57 15.43 -3.27
CA ASN B 118 -8.23 14.85 -2.10
CA ASN B 118 -8.22 14.86 -2.10
C ASN B 118 -8.19 13.33 -2.26
N PRO B 119 -7.06 12.70 -1.85
CA PRO B 119 -6.89 11.28 -2.16
C PRO B 119 -7.98 10.42 -1.56
N VAL B 120 -8.39 9.41 -2.31
CA VAL B 120 -9.59 8.68 -1.96
C VAL B 120 -9.50 7.95 -0.60
N ASN B 121 -8.31 7.40 -0.28
CA ASN B 121 -8.15 6.72 1.01
C ASN B 121 -7.46 7.60 2.05
N GLY B 122 -7.26 8.87 1.70
CA GLY B 122 -6.66 9.83 2.62
C GLY B 122 -5.17 10.06 2.37
N THR B 123 -4.55 9.18 1.57
CA THR B 123 -3.12 9.24 1.31
C THR B 123 -2.88 9.13 -0.21
N ASN B 124 -2.17 10.10 -0.77
CA ASN B 124 -1.75 10.02 -2.16
C ASN B 124 -0.37 9.39 -2.24
N ARG B 125 -0.15 8.50 -3.21
CA ARG B 125 1.16 7.88 -3.34
C ARG B 125 1.93 8.38 -4.57
N TRP B 126 3.12 8.94 -4.32
CA TRP B 126 4.04 9.40 -5.38
C TRP B 126 5.38 8.70 -5.16
N ALA B 127 5.44 7.41 -5.53
CA ALA B 127 6.58 6.57 -5.19
C ALA B 127 7.58 6.55 -6.34
N VAL B 128 8.39 7.59 -6.40
CA VAL B 128 9.23 7.87 -7.57
C VAL B 128 10.71 7.78 -7.24
N SER B 129 11.53 7.68 -8.28
CA SER B 129 12.95 7.98 -8.12
C SER B 129 13.33 9.27 -8.84
N GLN B 130 14.45 9.32 -9.56
CA GLN B 130 14.92 10.59 -10.11
C GLN B 130 14.11 11.13 -11.30
N ALA B 131 14.20 12.44 -11.52
CA ALA B 131 13.52 13.13 -12.63
C ALA B 131 12.01 12.94 -12.57
N ALA B 132 11.46 13.05 -11.38
CA ALA B 132 10.03 12.94 -11.20
C ALA B 132 9.51 14.05 -10.30
N PRO B 133 9.65 15.30 -10.76
CA PRO B 133 9.29 16.45 -9.91
C PRO B 133 7.82 16.52 -9.52
N PHE B 134 7.58 17.05 -8.32
CA PHE B 134 6.27 17.23 -7.73
C PHE B 134 6.23 18.72 -7.32
N ARG B 135 5.63 19.57 -8.17
CA ARG B 135 5.68 21.02 -7.96
C ARG B 135 4.29 21.65 -7.86
N ARG B 136 4.17 22.66 -7.01
CA ARG B 136 2.96 23.47 -6.94
CA ARG B 136 2.95 23.46 -6.97
C ARG B 136 1.72 22.57 -6.71
N MSE B 137 1.87 21.60 -5.81
CA MSE B 137 0.81 20.68 -5.48
C MSE B 137 0.20 21.02 -4.14
O MSE B 137 0.89 21.46 -3.23
CB MSE B 137 1.35 19.24 -5.41
CG MSE B 137 1.97 18.76 -6.73
SE MSE B 137 0.67 18.54 -8.19
CE MSE B 137 -0.37 17.08 -7.41
N HIS B 138 -1.10 20.78 -4.01
CA HIS B 138 -1.74 20.84 -2.69
C HIS B 138 -2.36 19.49 -2.37
N VAL B 139 -1.70 18.73 -1.50
CA VAL B 139 -2.21 17.43 -1.11
C VAL B 139 -3.05 17.57 0.15
N LYS B 140 -4.35 17.34 0.02
CA LYS B 140 -5.25 17.52 1.15
C LYS B 140 -5.39 16.18 1.85
N GLY B 141 -4.30 15.76 2.48
CA GLY B 141 -4.19 14.45 3.10
C GLY B 141 -2.70 14.15 3.27
N GLY B 142 -2.36 12.88 3.41
CA GLY B 142 -0.97 12.48 3.54
C GLY B 142 -0.39 12.22 2.16
N LEU B 143 0.93 12.21 2.10
CA LEU B 143 1.67 11.89 0.89
C LEU B 143 2.65 10.77 1.19
N ASN B 144 2.40 9.61 0.58
CA ASN B 144 3.25 8.43 0.76
C ASN B 144 4.25 8.41 -0.41
N LEU B 145 5.54 8.47 -0.11
CA LEU B 145 6.56 8.43 -1.17
C LEU B 145 7.10 7.02 -1.41
N ALA B 146 6.57 6.02 -0.70
CA ALA B 146 7.11 4.65 -0.79
C ALA B 146 6.19 3.74 -1.60
N PRO B 147 6.79 2.81 -2.38
CA PRO B 147 5.94 1.84 -3.08
C PRO B 147 5.21 0.91 -2.10
N ASP B 148 4.06 0.39 -2.50
CA ASP B 148 3.38 -0.63 -1.73
C ASP B 148 4.33 -1.79 -1.56
N GLY B 149 4.49 -2.25 -0.33
CA GLY B 149 5.45 -3.29 0.04
C GLY B 149 6.77 -2.75 0.57
N TYR B 150 6.97 -1.42 0.50
CA TYR B 150 8.16 -0.76 1.10
C TYR B 150 9.51 -1.19 0.52
N GLY B 151 9.53 -1.49 -0.78
CA GLY B 151 10.78 -1.76 -1.49
C GLY B 151 11.60 -0.49 -1.70
N TRP B 152 12.77 -0.68 -2.28
CA TRP B 152 13.71 0.41 -2.46
C TRP B 152 13.15 1.54 -3.36
N ALA B 153 13.50 2.78 -3.02
CA ALA B 153 13.17 3.93 -3.85
C ALA B 153 14.31 4.95 -3.72
N SER B 154 14.54 5.73 -4.77
CA SER B 154 15.68 6.64 -4.85
CA SER B 154 15.68 6.64 -4.84
C SER B 154 15.29 8.01 -5.38
N GLY B 155 14.30 8.65 -4.73
CA GLY B 155 13.90 10.02 -5.07
C GLY B 155 14.86 11.09 -4.57
N GLY B 156 14.43 12.36 -4.54
CA GLY B 156 13.14 12.83 -4.99
C GLY B 156 13.10 14.33 -4.82
N TYR B 157 12.04 14.96 -5.32
CA TYR B 157 12.02 16.41 -5.41
C TYR B 157 10.60 16.95 -5.24
N ILE B 158 10.40 17.77 -4.20
CA ILE B 158 9.16 18.48 -3.99
C ILE B 158 9.46 19.96 -3.88
N ALA B 159 8.76 20.81 -4.64
CA ALA B 159 8.92 22.26 -4.48
C ALA B 159 7.58 22.94 -4.49
N ASP B 160 7.48 24.03 -3.75
CA ASP B 160 6.34 24.93 -3.81
C ASP B 160 5.01 24.21 -3.56
N SER B 161 5.00 23.25 -2.64
CA SER B 161 3.82 22.43 -2.42
C SER B 161 3.35 22.52 -0.97
N LYS B 162 2.07 22.22 -0.76
CA LYS B 162 1.55 22.12 0.59
C LYS B 162 0.95 20.74 0.77
N ILE B 163 1.46 19.98 1.74
CA ILE B 163 0.88 18.71 2.10
C ILE B 163 0.24 18.93 3.46
N ASP B 164 -1.09 18.79 3.54
CA ASP B 164 -1.80 19.14 4.76
C ASP B 164 -1.45 18.17 5.89
N GLY B 165 -1.31 16.89 5.55
CA GLY B 165 -0.99 15.84 6.49
C GLY B 165 0.51 15.51 6.51
N GLU B 166 0.82 14.25 6.80
CA GLU B 166 2.21 13.82 6.93
C GLU B 166 2.79 13.34 5.60
N VAL B 167 4.03 13.74 5.31
CA VAL B 167 4.79 13.12 4.23
C VAL B 167 5.52 11.90 4.80
N GLY B 168 5.30 10.74 4.18
CA GLY B 168 5.90 9.50 4.64
C GLY B 168 6.88 8.93 3.64
N PRO B 169 8.18 9.11 3.88
CA PRO B 169 9.15 8.61 2.90
C PRO B 169 9.38 7.10 2.99
N TYR B 170 9.22 6.55 4.19
CA TYR B 170 9.49 5.15 4.52
C TYR B 170 10.78 4.60 3.91
N SER B 171 10.71 3.96 2.77
CA SER B 171 11.89 3.33 2.19
C SER B 171 12.64 4.19 1.15
N GLN B 172 12.27 5.47 1.01
CA GLN B 172 13.04 6.38 0.17
C GLN B 172 14.42 6.65 0.74
N GLN B 173 15.45 6.49 -0.07
CA GLN B 173 16.82 6.60 0.44
C GLN B 173 17.22 8.04 0.74
N GLN B 174 16.76 8.96 -0.09
CA GLN B 174 17.07 10.38 0.12
C GLN B 174 15.93 11.21 -0.46
N TRP B 175 15.91 12.51 -0.17
CA TRP B 175 14.82 13.37 -0.67
C TRP B 175 15.19 14.83 -0.48
N TYR B 176 14.76 15.68 -1.40
CA TYR B 176 14.91 17.14 -1.26
C TYR B 176 13.54 17.81 -1.36
N THR B 177 13.23 18.69 -0.41
CA THR B 177 12.01 19.49 -0.43
C THR B 177 12.40 20.95 -0.25
N ARG B 178 11.87 21.83 -1.08
CA ARG B 178 12.08 23.25 -0.87
C ARG B 178 10.81 24.07 -0.94
N ASP B 179 10.81 25.16 -0.19
CA ASP B 179 9.81 26.23 -0.29
C ASP B 179 8.38 25.69 -0.33
N SER B 180 8.05 24.97 0.75
CA SER B 180 6.83 24.18 0.85
C SER B 180 6.29 24.23 2.29
N SER B 181 5.20 23.54 2.52
CA SER B 181 4.62 23.40 3.85
C SER B 181 4.20 21.95 4.02
N VAL B 182 4.57 21.31 5.14
CA VAL B 182 4.17 19.93 5.42
C VAL B 182 3.52 19.87 6.81
N GLY B 183 2.49 19.04 6.94
CA GLY B 183 1.86 18.85 8.24
C GLY B 183 2.70 17.99 9.17
N GLY B 184 3.58 17.19 8.59
CA GLY B 184 4.46 16.34 9.34
C GLY B 184 5.42 15.64 8.39
N TRP B 185 6.44 15.01 8.95
CA TRP B 185 7.46 14.34 8.17
C TRP B 185 7.85 13.07 8.90
N GLY B 186 7.65 11.91 8.28
CA GLY B 186 7.68 10.66 9.00
C GLY B 186 9.03 10.10 9.41
N ASN B 187 10.04 10.23 8.55
CA ASN B 187 11.33 9.58 8.83
C ASN B 187 12.40 10.01 7.85
N GLY B 188 13.65 9.71 8.19
CA GLY B 188 14.77 9.89 7.26
C GLY B 188 15.52 8.59 7.15
N VAL B 189 16.16 8.38 6.01
CA VAL B 189 16.87 7.14 5.75
C VAL B 189 18.36 7.46 5.63
N TRP B 190 18.82 8.01 4.50
CA TRP B 190 20.23 8.42 4.37
C TRP B 190 20.41 9.94 4.31
N ASN B 191 19.51 10.65 3.62
CA ASN B 191 19.70 12.09 3.44
C ASN B 191 18.41 12.78 3.06
N MSE B 192 17.71 13.34 4.05
CA MSE B 192 16.53 14.14 3.77
C MSE B 192 16.91 15.59 4.02
O MSE B 192 17.27 15.96 5.13
CB MSE B 192 15.36 13.74 4.68
CG MSE B 192 14.56 12.58 4.12
SE MSE B 192 15.52 10.93 3.63
CE MSE B 192 13.95 9.99 3.03
N THR B 193 16.84 16.41 2.97
CA THR B 193 17.24 17.82 3.03
C THR B 193 16.02 18.70 2.78
N PHE B 194 15.93 19.81 3.51
CA PHE B 194 14.83 20.76 3.44
C PHE B 194 15.43 22.16 3.35
N SER B 195 14.89 23.00 2.46
CA SER B 195 15.20 24.41 2.57
C SER B 195 13.93 25.23 2.41
N GLY B 196 13.67 26.16 3.33
CA GLY B 196 12.43 26.93 3.24
C GLY B 196 11.15 26.12 3.45
N VAL B 197 11.20 25.06 4.25
CA VAL B 197 10.02 24.19 4.41
C VAL B 197 9.37 24.38 5.78
N GLU B 198 8.15 24.96 5.76
CA GLU B 198 7.38 25.10 7.00
C GLU B 198 6.96 23.72 7.44
N GLY B 199 7.21 23.41 8.70
CA GLY B 199 6.90 22.10 9.21
C GLY B 199 8.00 21.07 9.04
N ALA B 200 9.11 21.45 8.41
CA ALA B 200 10.26 20.55 8.33
C ALA B 200 10.74 20.16 9.73
N PRO B 201 11.23 18.93 9.89
CA PRO B 201 11.86 18.59 11.17
C PRO B 201 13.11 19.45 11.38
N ALA B 202 13.47 19.73 12.64
CA ALA B 202 14.67 20.49 12.90
C ALA B 202 15.94 19.78 12.42
N GLN B 203 16.96 20.57 12.07
CA GLN B 203 18.28 20.02 11.78
C GLN B 203 18.69 18.98 12.84
N SER B 204 19.09 17.79 12.40
CA SER B 204 19.42 16.73 13.36
C SER B 204 20.49 15.75 12.87
N PHE B 205 21.00 15.95 11.64
CA PHE B 205 22.00 15.04 11.07
C PHE B 205 23.14 14.75 12.06
N PRO B 206 23.53 13.47 12.22
CA PRO B 206 23.12 12.31 11.39
C PRO B 206 21.87 11.54 11.82
N GLU B 207 21.31 11.78 13.00
CA GLU B 207 20.21 10.95 13.44
CA GLU B 207 20.22 10.94 13.51
C GLU B 207 19.01 11.75 13.97
N PRO B 208 17.88 11.70 13.23
CA PRO B 208 17.72 11.19 11.87
C PRO B 208 18.52 12.07 10.94
N PRO B 209 18.78 11.61 9.72
CA PRO B 209 19.63 12.35 8.79
C PRO B 209 18.90 13.53 8.13
N TYR B 210 18.50 14.51 8.96
CA TYR B 210 17.79 15.67 8.48
C TYR B 210 18.74 16.87 8.39
N THR B 211 18.87 17.41 7.17
CA THR B 211 19.58 18.65 6.91
C THR B 211 18.53 19.72 6.63
N THR B 212 18.44 20.73 7.50
CA THR B 212 17.32 21.66 7.46
C THR B 212 17.81 23.09 7.44
N LEU B 213 17.46 23.80 6.35
CA LEU B 213 17.77 25.22 6.20
C LEU B 213 16.49 26.07 6.31
N GLU B 214 16.57 27.15 7.08
CA GLU B 214 15.42 28.02 7.34
C GLU B 214 14.83 28.53 6.01
N THR B 215 15.72 28.93 5.11
CA THR B 215 15.28 29.50 3.83
C THR B 215 16.09 28.96 2.68
N THR B 216 15.55 29.13 1.46
CA THR B 216 16.29 28.85 0.24
C THR B 216 16.88 30.20 -0.21
N PRO B 217 18.21 30.26 -0.46
CA PRO B 217 18.80 31.60 -0.62
C PRO B 217 18.18 32.38 -1.77
N VAL B 218 17.96 31.70 -2.89
CA VAL B 218 17.23 32.28 -4.02
CA VAL B 218 17.14 32.28 -3.94
C VAL B 218 16.43 31.14 -4.64
N SER B 219 15.19 31.40 -5.03
CA SER B 219 14.46 30.43 -5.83
C SER B 219 13.52 31.19 -6.73
N ARG B 220 13.11 30.53 -7.81
CA ARG B 220 12.16 31.13 -8.74
C ARG B 220 11.35 30.01 -9.31
N GLU B 221 10.05 30.03 -9.07
CA GLU B 221 9.23 28.88 -9.43
C GLU B 221 9.20 28.65 -10.94
N LYS B 222 9.10 27.38 -11.31
CA LYS B 222 9.10 27.01 -12.73
C LYS B 222 7.91 27.61 -13.47
N PRO B 223 8.14 28.17 -14.68
CA PRO B 223 6.97 28.60 -15.47
C PRO B 223 6.06 27.41 -15.84
N PHE B 224 4.77 27.70 -16.04
CA PHE B 224 3.81 26.65 -16.38
C PHE B 224 2.68 27.18 -17.24
N LEU B 225 2.15 26.31 -18.10
CA LEU B 225 0.99 26.61 -18.93
C LEU B 225 -0.27 26.70 -18.08
N TYR B 226 -1.11 27.68 -18.34
CA TYR B 226 -2.39 27.76 -17.64
C TYR B 226 -3.41 28.46 -18.49
N LEU B 227 -4.65 28.48 -18.01
CA LEU B 227 -5.76 29.13 -18.71
C LEU B 227 -6.18 30.38 -17.96
N ASP B 228 -6.16 31.52 -18.66
CA ASP B 228 -6.72 32.77 -18.14
C ASP B 228 -8.05 32.93 -18.85
N GLY B 229 -9.15 32.54 -18.21
CA GLY B 229 -10.42 32.43 -18.91
C GLY B 229 -10.32 31.31 -19.92
N ASP B 230 -10.51 31.62 -21.20
CA ASP B 230 -10.36 30.63 -22.26
C ASP B 230 -9.07 30.78 -23.04
N ASP B 231 -8.19 31.67 -22.57
CA ASP B 231 -6.94 31.93 -23.28
C ASP B 231 -5.76 31.22 -22.62
N TYR B 232 -5.03 30.43 -23.39
CA TYR B 232 -3.81 29.82 -22.89
C TYR B 232 -2.72 30.87 -22.69
N LYS B 233 -2.03 30.78 -21.55
CA LYS B 233 -0.90 31.64 -21.23
C LYS B 233 0.14 30.84 -20.47
N VAL B 234 1.37 31.37 -20.40
CA VAL B 234 2.39 30.77 -19.54
C VAL B 234 2.66 31.71 -18.40
N PHE B 235 2.50 31.22 -17.17
CA PHE B 235 2.78 32.06 -16.02
C PHE B 235 4.26 31.94 -15.73
N VAL B 236 4.89 33.10 -15.50
CA VAL B 236 6.32 33.18 -15.21
C VAL B 236 6.53 33.78 -13.82
N PRO B 237 6.69 32.92 -12.80
CA PRO B 237 6.85 33.42 -11.44
C PRO B 237 8.06 34.34 -11.30
N ALA B 238 7.91 35.35 -10.45
CA ALA B 238 9.01 36.22 -10.06
C ALA B 238 9.92 35.50 -9.07
N LYS B 239 11.17 35.90 -9.02
CA LYS B 239 12.07 35.26 -8.06
C LYS B 239 11.76 35.66 -6.62
N ARG B 240 12.19 34.79 -5.70
CA ARG B 240 12.12 35.06 -4.27
C ARG B 240 13.51 34.93 -3.68
N THR B 241 13.86 35.81 -2.75
CA THR B 241 15.12 35.72 -2.04
CA THR B 241 15.12 35.66 -2.04
C THR B 241 14.81 35.27 -0.61
N ASN B 242 15.64 34.39 -0.06
CA ASN B 242 15.38 33.85 1.29
C ASN B 242 13.97 33.32 1.37
N ALA B 243 13.64 32.48 0.38
CA ALA B 243 12.30 31.92 0.25
C ALA B 243 11.97 30.94 1.40
N ARG B 244 10.72 30.96 1.83
CA ARG B 244 10.19 29.99 2.78
C ARG B 244 8.70 29.84 2.56
N GLY B 245 8.23 28.60 2.56
CA GLY B 245 6.83 28.28 2.31
C GLY B 245 6.46 28.46 0.84
N THR B 246 5.18 28.25 0.54
CA THR B 246 4.72 28.26 -0.85
C THR B 246 4.59 29.66 -1.40
N SER B 247 4.72 29.78 -2.72
CA SER B 247 4.56 31.05 -3.42
C SER B 247 3.10 31.48 -3.55
N TRP B 248 2.20 30.50 -3.44
CA TRP B 248 0.78 30.70 -3.78
C TRP B 248 -0.17 30.64 -2.59
N GLY B 249 0.33 30.25 -1.43
CA GLY B 249 -0.54 30.24 -0.25
C GLY B 249 -1.33 31.51 0.12
N ASN B 250 -0.77 32.69 -0.13
CA ASN B 250 -1.32 33.94 0.41
C ASN B 250 -1.72 34.99 -0.62
N GLY B 251 -2.76 34.71 -1.39
CA GLY B 251 -3.21 35.68 -2.38
C GLY B 251 -2.51 35.52 -3.72
N THR B 252 -2.65 36.54 -4.57
CA THR B 252 -2.25 36.44 -5.97
C THR B 252 -0.74 36.21 -6.11
N PRO B 253 -0.37 35.13 -6.79
CA PRO B 253 1.06 34.83 -7.00
C PRO B 253 1.76 35.90 -7.82
N GLU B 254 2.98 36.25 -7.44
CA GLU B 254 3.74 37.28 -8.13
C GLU B 254 4.39 36.75 -9.41
N GLY B 255 4.14 37.43 -10.52
CA GLY B 255 4.78 37.02 -11.76
C GLY B 255 4.11 37.63 -12.98
N GLU B 256 4.58 37.25 -14.15
CA GLU B 256 4.06 37.80 -15.39
CA GLU B 256 4.09 37.79 -15.41
C GLU B 256 3.40 36.69 -16.20
N SER B 257 2.34 37.02 -16.95
CA SER B 257 1.69 36.04 -17.81
CA SER B 257 1.76 36.00 -17.82
C SER B 257 1.97 36.33 -19.29
N LEU B 258 2.45 35.34 -20.03
CA LEU B 258 2.73 35.50 -21.45
C LEU B 258 1.65 34.76 -22.23
N PRO B 259 0.96 35.45 -23.15
CA PRO B 259 0.01 34.80 -24.05
C PRO B 259 0.68 33.72 -24.90
N LEU B 260 -0.07 32.65 -25.22
CA LEU B 260 0.44 31.56 -26.03
C LEU B 260 0.96 32.01 -27.40
N ASP B 261 0.33 33.04 -27.98
CA ASP B 261 0.79 33.56 -29.27
C ASP B 261 2.17 34.21 -29.23
N GLN B 262 2.75 34.35 -28.04
CA GLN B 262 4.13 34.78 -27.96
C GLN B 262 5.12 33.63 -27.91
N PHE B 263 4.61 32.40 -28.05
CA PHE B 263 5.44 31.20 -28.08
C PHE B 263 5.42 30.58 -29.45
N TYR B 264 6.59 30.13 -29.90
CA TYR B 264 6.65 29.19 -31.00
C TYR B 264 6.33 27.82 -30.40
N VAL B 265 5.23 27.22 -30.86
CA VAL B 265 4.83 25.91 -30.38
C VAL B 265 5.54 24.85 -31.22
N VAL B 266 6.61 24.32 -30.65
CA VAL B 266 7.47 23.39 -31.35
C VAL B 266 6.82 22.02 -31.36
N LYS B 267 6.85 21.38 -32.53
CA LYS B 267 6.28 20.04 -32.71
C LYS B 267 7.30 19.21 -33.45
N PRO B 268 7.25 17.87 -33.29
CA PRO B 268 8.20 17.02 -34.01
C PRO B 268 8.21 17.31 -35.49
N GLY B 269 9.42 17.42 -36.02
CA GLY B 269 9.60 17.85 -37.39
C GLY B 269 10.38 19.14 -37.41
N ALA B 270 10.26 19.93 -36.34
CA ALA B 270 10.92 21.22 -36.32
C ALA B 270 12.44 21.06 -36.33
N THR B 271 13.13 21.88 -37.11
CA THR B 271 14.59 21.84 -37.12
C THR B 271 15.17 22.84 -36.12
N ALA B 272 16.43 22.68 -35.76
CA ALA B 272 17.11 23.67 -34.92
C ALA B 272 17.13 25.04 -35.63
N GLU B 273 17.32 25.04 -36.95
CA GLU B 273 17.30 26.31 -37.69
C GLU B 273 16.00 27.11 -37.48
N THR B 274 14.87 26.42 -37.53
CA THR B 274 13.57 27.08 -37.36
C THR B 274 13.37 27.53 -35.90
N ILE B 275 13.70 26.66 -34.96
CA ILE B 275 13.62 26.98 -33.54
C ILE B 275 14.48 28.20 -33.26
N ASN B 276 15.70 28.23 -33.82
CA ASN B 276 16.58 29.37 -33.60
C ASN B 276 16.07 30.68 -34.19
N ALA B 277 15.49 30.59 -35.38
CA ALA B 277 14.89 31.77 -36.02
C ALA B 277 13.72 32.29 -35.16
N ALA B 278 12.96 31.38 -34.55
CA ALA B 278 11.87 31.81 -33.68
C ALA B 278 12.36 32.67 -32.52
N VAL B 279 13.44 32.24 -31.86
CA VAL B 279 13.99 33.00 -30.75
C VAL B 279 14.52 34.35 -31.28
N ASP B 280 15.20 34.31 -32.43
CA ASP B 280 15.68 35.54 -33.08
C ASP B 280 14.56 36.56 -33.30
N GLN B 281 13.37 36.04 -33.62
CA GLN B 281 12.26 36.90 -34.01
C GLN B 281 11.48 37.39 -32.80
N GLY B 282 11.83 36.89 -31.62
CA GLY B 282 11.23 37.40 -30.39
C GLY B 282 10.29 36.42 -29.70
N LEU B 283 10.13 35.22 -30.25
CA LEU B 283 9.22 34.24 -29.65
C LEU B 283 9.90 33.43 -28.54
N HIS B 284 9.11 33.09 -27.52
CA HIS B 284 9.51 32.07 -26.55
C HIS B 284 9.32 30.69 -27.18
N LEU B 285 9.71 29.64 -26.48
CA LEU B 285 9.61 28.28 -27.01
C LEU B 285 8.76 27.40 -26.11
N LEU B 286 7.79 26.70 -26.70
CA LEU B 286 7.02 25.71 -25.99
C LEU B 286 7.20 24.39 -26.71
N PHE B 287 7.97 23.48 -26.12
CA PHE B 287 8.21 22.16 -26.73
C PHE B 287 7.09 21.21 -26.39
N THR B 288 6.25 20.89 -27.37
CA THR B 288 5.21 19.89 -27.17
C THR B 288 5.86 18.51 -26.99
N PRO B 289 5.16 17.55 -26.38
CA PRO B 289 5.78 16.26 -26.07
C PRO B 289 6.25 15.52 -27.32
N GLY B 290 7.50 15.09 -27.32
CA GLY B 290 8.08 14.39 -28.47
C GLY B 290 9.58 14.32 -28.38
N VAL B 291 10.21 13.75 -29.41
CA VAL B 291 11.65 13.60 -29.49
C VAL B 291 12.15 14.41 -30.67
N TYR B 292 13.09 15.30 -30.41
CA TYR B 292 13.57 16.29 -31.37
C TYR B 292 15.05 16.06 -31.64
N HIS B 293 15.37 15.48 -32.80
CA HIS B 293 16.77 15.41 -33.23
C HIS B 293 17.16 16.75 -33.81
N VAL B 294 18.37 17.19 -33.47
CA VAL B 294 18.86 18.47 -33.99
C VAL B 294 20.25 18.26 -34.59
N ASP B 295 20.53 18.96 -35.68
CA ASP B 295 21.81 18.82 -36.36
C ASP B 295 22.70 20.01 -36.07
N GLN B 296 22.19 20.95 -35.26
CA GLN B 296 22.98 22.07 -34.76
C GLN B 296 22.38 22.45 -33.41
N PRO B 297 23.15 23.13 -32.55
CA PRO B 297 22.59 23.50 -31.25
C PRO B 297 21.38 24.44 -31.35
N ILE B 298 20.41 24.22 -30.46
CA ILE B 298 19.39 25.22 -30.20
C ILE B 298 20.06 26.36 -29.45
N GLU B 299 19.89 27.60 -29.92
CA GLU B 299 20.61 28.74 -29.35
C GLU B 299 19.63 29.73 -28.78
N ILE B 300 19.76 30.02 -27.49
CA ILE B 300 18.89 31.00 -26.87
C ILE B 300 19.72 32.18 -26.38
N ASP B 301 19.77 33.23 -27.21
CA ASP B 301 20.58 34.42 -26.96
C ASP B 301 19.75 35.65 -26.66
N ARG B 302 18.48 35.50 -26.34
CA ARG B 302 17.61 36.64 -26.05
C ARG B 302 17.20 36.65 -24.57
N ALA B 303 17.41 37.79 -23.91
CA ALA B 303 17.10 37.90 -22.48
C ALA B 303 15.63 37.54 -22.22
N ASN B 304 15.39 36.83 -21.12
CA ASN B 304 14.05 36.53 -20.64
C ASN B 304 13.29 35.49 -21.47
N THR B 305 13.99 34.80 -22.38
CA THR B 305 13.33 33.76 -23.17
C THR B 305 12.94 32.58 -22.29
N VAL B 306 11.69 32.14 -22.40
CA VAL B 306 11.22 30.95 -21.73
C VAL B 306 11.29 29.80 -22.74
N ALA B 307 11.91 28.69 -22.34
CA ALA B 307 11.94 27.50 -23.15
C ALA B 307 11.38 26.38 -22.31
N LEU B 308 10.11 26.08 -22.53
CA LEU B 308 9.35 25.21 -21.64
C LEU B 308 8.93 23.94 -22.35
N GLY B 309 9.21 22.80 -21.73
CA GLY B 309 8.86 21.52 -22.29
C GLY B 309 7.65 20.93 -21.60
N LEU B 310 6.84 20.24 -22.38
CA LEU B 310 5.70 19.46 -21.90
C LEU B 310 5.97 17.97 -22.14
N GLY B 311 5.45 17.13 -21.26
CA GLY B 311 5.46 15.69 -21.53
C GLY B 311 6.83 15.08 -21.73
N LEU B 312 7.82 15.57 -20.98
CA LEU B 312 9.19 15.06 -21.10
C LEU B 312 9.77 15.19 -22.52
N ALA B 313 9.45 16.31 -23.17
CA ALA B 313 10.05 16.64 -24.49
C ALA B 313 11.56 16.45 -24.42
N THR B 314 12.11 15.83 -25.47
CA THR B 314 13.46 15.31 -25.44
C THR B 314 14.23 15.82 -26.66
N ILE B 315 15.44 16.32 -26.43
CA ILE B 315 16.31 16.78 -27.51
C ILE B 315 17.48 15.83 -27.64
N ILE B 316 17.73 15.35 -28.86
CA ILE B 316 18.89 14.51 -29.16
C ILE B 316 19.79 15.21 -30.15
N PRO B 317 21.03 15.53 -29.76
CA PRO B 317 21.94 16.14 -30.73
C PRO B 317 22.61 15.08 -31.60
N ASP B 318 22.58 15.27 -32.92
CA ASP B 318 23.17 14.34 -33.87
C ASP B 318 24.59 14.81 -34.22
N ASN B 319 25.42 13.89 -34.69
CA ASN B 319 26.75 14.25 -35.21
C ASN B 319 27.65 14.93 -34.19
N GLY B 320 27.38 14.73 -32.91
CA GLY B 320 28.28 15.22 -31.87
C GLY B 320 28.12 16.70 -31.54
N VAL B 321 27.09 17.35 -32.07
CA VAL B 321 26.89 18.75 -31.72
C VAL B 321 26.41 18.92 -30.27
N THR B 322 26.51 20.13 -29.77
CA THR B 322 25.89 20.51 -28.51
C THR B 322 24.36 20.65 -28.73
N ALA B 323 23.55 20.21 -27.76
CA ALA B 323 22.10 20.26 -27.95
C ALA B 323 21.52 21.64 -27.66
N LEU B 324 22.01 22.27 -26.61
CA LEU B 324 21.45 23.54 -26.16
C LEU B 324 22.54 24.49 -25.69
N LYS B 325 22.56 25.70 -26.25
CA LYS B 325 23.45 26.77 -25.83
C LYS B 325 22.64 28.01 -25.44
N VAL B 326 22.77 28.47 -24.20
CA VAL B 326 22.19 29.73 -23.76
C VAL B 326 23.28 30.82 -23.76
N GLY B 327 22.94 31.99 -24.28
CA GLY B 327 23.88 33.09 -24.30
C GLY B 327 24.03 33.73 -22.93
N ASP B 328 24.96 34.66 -22.81
CA ASP B 328 25.25 35.24 -21.50
C ASP B 328 24.27 36.40 -21.26
N VAL B 329 22.99 36.06 -21.12
CA VAL B 329 21.91 37.07 -21.01
C VAL B 329 21.10 36.84 -19.72
N ASP B 330 20.38 37.87 -19.27
CA ASP B 330 19.51 37.76 -18.11
C ASP B 330 18.27 36.90 -18.38
N GLY B 331 17.81 36.20 -17.36
CA GLY B 331 16.41 35.77 -17.29
C GLY B 331 15.95 34.64 -18.17
N VAL B 332 16.86 33.88 -18.78
CA VAL B 332 16.41 32.75 -19.59
C VAL B 332 15.91 31.66 -18.64
N LYS B 333 14.79 31.05 -19.00
CA LYS B 333 14.16 30.05 -18.16
C LYS B 333 13.96 28.79 -18.97
N VAL B 334 14.85 27.83 -18.75
CA VAL B 334 14.76 26.54 -19.43
C VAL B 334 14.14 25.56 -18.45
N ALA B 335 13.08 24.88 -18.89
CA ALA B 335 12.34 24.00 -17.98
C ALA B 335 11.73 22.79 -18.67
N GLY B 336 11.91 21.62 -18.06
CA GLY B 336 11.11 20.45 -18.43
C GLY B 336 11.56 19.74 -19.70
N LEU B 337 12.86 19.64 -19.88
CA LEU B 337 13.47 19.00 -21.05
C LEU B 337 14.43 17.91 -20.66
N LEU B 338 14.40 16.82 -21.43
CA LEU B 338 15.40 15.76 -21.32
C LEU B 338 16.34 15.90 -22.51
N VAL B 339 17.64 15.94 -22.24
CA VAL B 339 18.63 15.96 -23.31
C VAL B 339 19.25 14.56 -23.33
N ASP B 340 19.15 13.87 -24.45
CA ASP B 340 19.54 12.48 -24.59
C ASP B 340 20.69 12.41 -25.59
N ALA B 341 21.88 11.98 -25.15
CA ALA B 341 23.05 11.96 -26.01
C ALA B 341 22.85 11.06 -27.21
N GLY B 342 23.40 11.47 -28.35
CA GLY B 342 23.44 10.59 -29.52
C GLY B 342 24.67 9.71 -29.50
N PRO B 343 24.75 8.76 -30.46
CA PRO B 343 25.88 7.82 -30.48
C PRO B 343 27.23 8.44 -30.82
N VAL B 344 27.23 9.60 -31.50
CA VAL B 344 28.47 10.31 -31.79
C VAL B 344 28.79 11.21 -30.59
N ASN B 345 29.98 11.06 -30.04
CA ASN B 345 30.34 11.84 -28.86
C ASN B 345 30.15 13.35 -29.04
N SER B 346 29.39 13.97 -28.13
CA SER B 346 29.30 15.41 -28.06
C SER B 346 30.29 15.95 -27.03
N GLU B 347 31.08 16.93 -27.41
CA GLU B 347 31.99 17.52 -26.43
C GLU B 347 31.24 18.12 -25.25
N THR B 348 30.12 18.79 -25.51
CA THR B 348 29.21 19.23 -24.44
C THR B 348 27.77 18.99 -24.89
N LEU B 349 26.88 18.70 -23.96
CA LEU B 349 25.45 18.59 -24.31
C LEU B 349 24.66 19.90 -24.09
N VAL B 350 24.94 20.60 -22.99
CA VAL B 350 24.27 21.85 -22.63
C VAL B 350 25.31 22.87 -22.16
N GLU B 351 25.28 24.08 -22.72
CA GLU B 351 26.19 25.12 -22.28
C GLU B 351 25.39 26.35 -21.86
N VAL B 352 25.51 26.75 -20.60
CA VAL B 352 24.84 27.96 -20.12
C VAL B 352 25.85 29.07 -20.07
N GLY B 353 25.79 29.94 -21.07
CA GLY B 353 26.78 30.97 -21.28
C GLY B 353 27.97 30.45 -22.05
N SER B 354 28.74 31.37 -22.61
CA SER B 354 29.96 31.06 -23.37
C SER B 354 31.20 30.93 -22.48
N ASP B 355 32.26 30.32 -23.01
CA ASP B 355 33.53 30.20 -22.28
C ASP B 355 33.99 31.60 -21.93
N GLY B 356 34.28 31.83 -20.65
CA GLY B 356 34.78 33.12 -20.24
C GLY B 356 33.69 34.12 -19.94
N ALA B 357 32.43 33.68 -19.99
CA ALA B 357 31.30 34.56 -19.67
C ALA B 357 31.55 35.27 -18.35
N SER B 358 31.30 36.58 -18.31
CA SER B 358 31.56 37.38 -17.11
C SER B 358 30.45 38.37 -16.77
N GLY B 359 29.35 38.35 -17.51
CA GLY B 359 28.22 39.20 -17.18
C GLY B 359 27.61 38.94 -15.79
N ASP B 360 27.02 39.97 -15.21
CA ASP B 360 26.36 39.93 -13.91
C ASP B 360 24.86 39.68 -14.12
N HIS B 361 24.33 38.58 -13.59
CA HIS B 361 22.90 38.31 -13.73
C HIS B 361 22.18 38.14 -12.40
N ALA B 362 22.71 38.75 -11.34
CA ALA B 362 22.13 38.52 -10.02
C ALA B 362 20.67 39.00 -9.92
N ALA B 363 20.34 40.12 -10.57
CA ALA B 363 19.01 40.68 -10.45
C ALA B 363 17.98 39.84 -11.15
N ASN B 364 18.40 39.20 -12.25
CA ASN B 364 17.50 38.40 -13.07
C ASN B 364 18.26 37.24 -13.69
N PRO B 365 18.47 36.19 -12.92
CA PRO B 365 19.33 35.10 -13.38
C PRO B 365 18.71 34.23 -14.45
N THR B 366 19.57 33.47 -15.13
CA THR B 366 19.13 32.38 -15.97
C THR B 366 18.95 31.12 -15.11
N SER B 367 17.94 30.29 -15.41
CA SER B 367 17.74 29.06 -14.66
C SER B 367 17.53 27.87 -15.56
N LEU B 368 17.96 26.71 -15.07
CA LEU B 368 17.57 25.40 -15.60
C LEU B 368 16.73 24.71 -14.52
N GLN B 369 15.53 24.24 -14.89
CA GLN B 369 14.64 23.59 -13.94
C GLN B 369 14.03 22.34 -14.56
N ASP B 370 14.10 21.21 -13.86
CA ASP B 370 13.65 19.93 -14.45
C ASP B 370 14.30 19.71 -15.81
N VAL B 371 15.61 19.96 -15.85
CA VAL B 371 16.41 19.64 -17.02
C VAL B 371 17.17 18.37 -16.68
N PHE B 372 16.96 17.35 -17.50
CA PHE B 372 17.52 16.02 -17.24
C PHE B 372 18.43 15.68 -18.39
N VAL B 373 19.49 14.93 -18.13
CA VAL B 373 20.39 14.49 -19.19
C VAL B 373 20.56 13.00 -19.06
N ARG B 374 20.54 12.30 -20.20
CA ARG B 374 20.78 10.87 -20.24
C ARG B 374 21.89 10.55 -21.23
N ILE B 375 22.83 9.68 -20.84
CA ILE B 375 23.86 9.21 -21.76
C ILE B 375 23.80 7.69 -21.85
N GLY B 376 23.25 7.18 -22.97
CA GLY B 376 23.03 5.74 -23.14
C GLY B 376 21.74 5.24 -22.50
N GLY B 377 21.47 3.95 -22.64
CA GLY B 377 20.28 3.33 -22.07
C GLY B 377 19.17 3.10 -23.09
N ALA B 378 18.97 4.04 -24.01
CA ALA B 378 18.02 3.89 -25.11
C ALA B 378 18.79 3.74 -26.40
N GLY B 379 19.95 3.08 -26.30
CA GLY B 379 20.90 2.96 -27.39
C GLY B 379 22.21 3.64 -26.99
N PRO B 380 23.31 3.37 -27.71
CA PRO B 380 24.59 3.98 -27.32
C PRO B 380 24.56 5.51 -27.40
N GLY B 381 25.14 6.16 -26.38
CA GLY B 381 25.23 7.61 -26.33
C GLY B 381 26.55 7.94 -25.68
N LYS B 382 27.11 9.08 -26.06
CA LYS B 382 28.43 9.48 -25.58
C LYS B 382 28.49 11.01 -25.46
N ALA B 383 29.05 11.50 -24.36
CA ALA B 383 29.33 12.92 -24.25
C ALA B 383 30.50 13.14 -23.29
N THR B 384 31.38 14.10 -23.60
CA THR B 384 32.54 14.33 -22.73
C THR B 384 32.11 15.06 -21.45
N THR B 385 31.40 16.18 -21.58
CA THR B 385 30.86 16.91 -20.42
C THR B 385 29.39 17.21 -20.70
N SER B 386 28.53 16.91 -19.76
CA SER B 386 27.09 17.04 -20.03
C SER B 386 26.56 18.46 -19.90
N ILE B 387 26.79 19.11 -18.76
CA ILE B 387 26.35 20.50 -18.58
C ILE B 387 27.50 21.37 -18.15
N VAL B 388 27.80 22.42 -18.91
CA VAL B 388 28.83 23.39 -18.51
C VAL B 388 28.10 24.69 -18.16
N VAL B 389 28.23 25.15 -16.92
CA VAL B 389 27.58 26.37 -16.47
C VAL B 389 28.62 27.47 -16.42
N ASN B 390 28.69 28.28 -17.47
CA ASN B 390 29.64 29.40 -17.55
C ASN B 390 29.06 30.67 -16.92
N SER B 391 27.76 30.92 -17.11
CA SER B 391 27.17 32.18 -16.67
C SER B 391 27.14 32.36 -15.16
N ASN B 392 27.54 33.56 -14.73
CA ASN B 392 27.39 33.91 -13.32
C ASN B 392 25.92 33.90 -12.90
N ASP B 393 25.67 33.57 -11.62
CA ASP B 393 24.36 33.73 -10.98
C ASP B 393 23.30 32.75 -11.44
N THR B 394 23.71 31.77 -12.24
CA THR B 394 22.78 30.75 -12.74
C THR B 394 22.19 29.92 -11.60
N ILE B 395 20.89 29.60 -11.72
CA ILE B 395 20.21 28.74 -10.80
C ILE B 395 19.96 27.39 -11.50
N ILE B 396 20.39 26.31 -10.88
CA ILE B 396 20.08 24.96 -11.38
C ILE B 396 19.13 24.37 -10.34
N ASP B 397 17.82 24.32 -10.64
CA ASP B 397 16.85 23.94 -9.64
C ASP B 397 16.12 22.67 -10.10
N HIS B 398 16.63 21.54 -9.61
CA HIS B 398 16.28 20.17 -10.00
C HIS B 398 16.88 19.76 -11.34
N THR B 399 17.97 18.99 -11.26
CA THR B 399 18.53 18.36 -12.45
C THR B 399 18.90 16.93 -12.11
N TRP B 400 18.78 16.04 -13.10
CA TRP B 400 19.31 14.70 -13.00
C TRP B 400 20.14 14.48 -14.22
N VAL B 401 21.44 14.33 -14.02
CA VAL B 401 22.41 14.15 -15.09
C VAL B 401 22.93 12.73 -14.92
N TRP B 402 22.60 11.85 -15.87
CA TRP B 402 22.68 10.41 -15.63
C TRP B 402 23.37 9.67 -16.77
N ARG B 403 24.55 9.13 -16.49
CA ARG B 403 25.14 8.14 -17.38
C ARG B 403 24.48 6.79 -17.08
N ALA B 404 23.90 6.18 -18.11
CA ALA B 404 23.05 4.99 -17.91
C ALA B 404 23.86 3.83 -17.34
N ASP B 405 23.27 3.13 -16.37
CA ASP B 405 23.86 1.92 -15.82
C ASP B 405 23.11 0.66 -16.27
N HIS B 406 21.96 0.83 -16.94
CA HIS B 406 21.18 -0.30 -17.49
C HIS B 406 20.49 0.16 -18.76
N GLY B 407 19.95 -0.81 -19.51
CA GLY B 407 19.33 -0.57 -20.80
C GLY B 407 20.28 -0.95 -21.93
N GLU B 408 19.98 -0.44 -23.12
CA GLU B 408 20.77 -0.73 -24.32
C GLU B 408 21.83 0.32 -24.58
N GLY B 409 23.01 -0.11 -25.05
CA GLY B 409 24.09 0.80 -25.38
C GLY B 409 24.88 1.26 -24.19
N VAL B 410 25.08 0.37 -23.22
CA VAL B 410 25.75 0.70 -21.95
C VAL B 410 27.05 -0.08 -21.80
N GLY B 411 28.12 0.60 -21.41
CA GLY B 411 29.39 -0.07 -21.13
C GLY B 411 30.43 0.98 -20.86
N TRP B 412 31.51 0.58 -20.20
CA TRP B 412 32.54 1.51 -19.74
C TRP B 412 33.08 2.37 -20.89
N GLU B 413 33.19 1.77 -22.07
CA GLU B 413 33.49 2.51 -23.30
C GLU B 413 32.24 2.87 -24.12
N THR B 414 31.31 1.93 -24.22
CA THR B 414 30.12 2.10 -25.07
C THR B 414 29.31 3.36 -24.81
N ASN B 415 29.05 3.64 -23.54
CA ASN B 415 28.43 4.92 -23.20
C ASN B 415 29.32 5.75 -22.28
N ARG B 416 30.62 5.78 -22.61
CA ARG B 416 31.55 6.63 -21.86
C ARG B 416 31.05 8.08 -21.76
N ALA B 417 31.10 8.63 -20.56
CA ALA B 417 30.79 10.04 -20.34
C ALA B 417 31.65 10.46 -19.15
N ASP B 418 32.75 11.17 -19.42
CA ASP B 418 33.72 11.39 -18.35
C ASP B 418 33.21 12.34 -17.27
N TYR B 419 32.54 13.41 -17.67
CA TYR B 419 32.19 14.49 -16.73
C TYR B 419 30.70 14.84 -16.77
N GLY B 420 30.08 15.01 -15.61
CA GLY B 420 28.65 15.35 -15.58
C GLY B 420 28.38 16.83 -15.70
N VAL B 421 28.63 17.55 -14.63
CA VAL B 421 28.39 19.00 -14.56
C VAL B 421 29.70 19.70 -14.24
N HIS B 422 30.01 20.78 -14.94
CA HIS B 422 31.16 21.59 -14.62
C HIS B 422 30.70 23.02 -14.45
N VAL B 423 30.75 23.54 -13.22
CA VAL B 423 30.32 24.91 -12.95
C VAL B 423 31.52 25.85 -12.95
N LYS B 424 31.57 26.78 -13.90
CA LYS B 424 32.67 27.74 -14.02
C LYS B 424 32.26 29.16 -13.60
N GLY B 425 30.96 29.46 -13.66
CA GLY B 425 30.49 30.78 -13.29
C GLY B 425 30.50 31.02 -11.77
N ASP B 426 30.39 32.29 -11.37
CA ASP B 426 30.40 32.66 -9.96
C ASP B 426 28.96 32.78 -9.43
N ASN B 427 28.78 32.59 -8.12
CA ASN B 427 27.48 32.74 -7.48
C ASN B 427 26.40 31.84 -8.06
N VAL B 428 26.82 30.67 -8.52
CA VAL B 428 25.88 29.70 -9.07
C VAL B 428 25.24 28.94 -7.91
N LEU B 429 23.94 28.69 -8.01
CA LEU B 429 23.21 27.94 -6.98
C LEU B 429 22.58 26.68 -7.56
N ALA B 430 22.85 25.53 -6.94
CA ALA B 430 22.18 24.28 -7.30
C ALA B 430 21.29 23.84 -6.15
N THR B 431 20.00 23.66 -6.43
CA THR B 431 19.05 23.16 -5.43
C THR B 431 18.44 21.86 -5.98
N GLY B 432 18.79 20.71 -5.39
CA GLY B 432 18.30 19.43 -5.87
C GLY B 432 19.15 18.90 -7.03
N LEU B 433 20.41 18.59 -6.74
CA LEU B 433 21.40 18.20 -7.74
C LEU B 433 21.60 16.69 -7.70
N PHE B 434 21.25 15.97 -8.78
CA PHE B 434 21.38 14.51 -8.83
C PHE B 434 22.28 14.19 -10.03
N VAL B 435 23.43 13.58 -9.81
CA VAL B 435 24.38 13.34 -10.91
C VAL B 435 25.02 11.99 -10.68
N GLU B 436 24.96 11.09 -11.67
CA GLU B 436 25.35 9.71 -11.44
C GLU B 436 26.13 9.02 -12.59
N HIS B 437 27.18 8.32 -12.20
CA HIS B 437 27.80 7.22 -12.96
C HIS B 437 28.83 7.66 -13.99
N PHE B 438 29.31 8.89 -13.90
CA PHE B 438 30.31 9.39 -14.83
C PHE B 438 31.68 8.73 -14.69
N ASN B 439 32.41 8.59 -15.80
CA ASN B 439 33.66 7.84 -15.70
C ASN B 439 34.71 8.55 -14.84
N LYS B 440 34.64 9.89 -14.77
CA LYS B 440 35.56 10.68 -13.96
C LYS B 440 34.79 11.52 -12.95
N TYR B 441 35.02 12.83 -12.89
CA TYR B 441 34.32 13.65 -11.90
C TYR B 441 32.87 13.88 -12.27
N ASP B 442 31.94 13.44 -11.41
CA ASP B 442 30.53 13.70 -11.70
C ASP B 442 30.22 15.19 -11.72
N VAL B 443 30.68 15.91 -10.68
CA VAL B 443 30.55 17.37 -10.63
C VAL B 443 31.91 18.00 -10.32
N GLN B 444 32.26 19.03 -11.08
CA GLN B 444 33.44 19.83 -10.80
CA GLN B 444 33.44 19.85 -10.83
C GLN B 444 32.99 21.27 -10.65
N TRP B 445 33.57 21.97 -9.70
CA TRP B 445 33.17 23.36 -9.41
C TRP B 445 34.40 24.24 -9.35
N SER B 446 34.52 25.16 -10.31
CA SER B 446 35.67 26.05 -10.50
C SER B 446 35.34 27.49 -10.16
N GLY B 447 34.05 27.86 -10.26
CA GLY B 447 33.63 29.23 -9.99
C GLY B 447 33.59 29.53 -8.51
N GLU B 448 33.49 30.82 -8.18
CA GLU B 448 33.49 31.28 -6.79
C GLU B 448 32.10 31.35 -6.21
N ASN B 449 32.02 31.31 -4.88
CA ASN B 449 30.75 31.48 -4.16
C ASN B 449 29.61 30.59 -4.65
N GLY B 450 29.95 29.36 -5.08
CA GLY B 450 28.92 28.40 -5.42
C GLY B 450 28.25 27.84 -4.18
N LYS B 451 26.99 27.44 -4.33
CA LYS B 451 26.25 26.78 -3.25
C LYS B 451 25.48 25.62 -3.85
N THR B 452 25.51 24.47 -3.18
CA THR B 452 24.65 23.32 -3.50
C THR B 452 23.85 22.95 -2.27
N ILE B 453 22.53 22.90 -2.42
CA ILE B 453 21.64 22.40 -1.38
C ILE B 453 21.01 21.13 -1.91
N PHE B 454 21.45 20.01 -1.33
CA PHE B 454 21.11 18.63 -1.70
C PHE B 454 21.88 18.11 -2.90
N TYR B 455 22.68 17.06 -2.66
CA TYR B 455 23.34 16.37 -3.75
C TYR B 455 23.18 14.86 -3.58
N GLN B 456 22.85 14.18 -4.68
CA GLN B 456 22.82 12.72 -4.69
C GLN B 456 23.64 12.24 -5.85
N ASN B 457 24.54 11.29 -5.57
CA ASN B 457 25.42 10.71 -6.58
C ASN B 457 25.52 9.21 -6.38
N GLU B 458 25.69 8.48 -7.48
CA GLU B 458 26.30 7.13 -7.43
C GLU B 458 27.50 7.15 -8.33
N LYS B 459 28.57 6.46 -7.92
CA LYS B 459 29.77 6.33 -8.75
C LYS B 459 29.54 5.25 -9.81
N ALA B 460 30.20 5.40 -10.96
CA ALA B 460 30.11 4.42 -12.05
C ALA B 460 30.28 2.99 -11.54
N TYR B 461 29.39 2.09 -11.93
CA TYR B 461 29.46 0.71 -11.48
C TYR B 461 30.53 -0.10 -12.21
N ASP B 462 30.86 0.34 -13.42
CA ASP B 462 31.50 -0.53 -14.41
C ASP B 462 32.98 -0.24 -14.65
N ALA B 463 33.61 0.51 -13.75
CA ALA B 463 35.06 0.64 -13.77
C ALA B 463 35.65 -0.76 -13.78
N PRO B 464 36.55 -1.05 -14.73
CA PRO B 464 36.95 -2.46 -14.81
C PRO B 464 37.94 -2.92 -13.73
N ASP B 465 38.69 -1.98 -13.17
CA ASP B 465 39.67 -2.31 -12.14
C ASP B 465 40.10 -1.01 -11.49
N GLN B 466 40.95 -1.12 -10.47
CA GLN B 466 41.40 0.06 -9.74
C GLN B 466 42.16 0.99 -10.67
N ALA B 467 42.94 0.40 -11.57
CA ALA B 467 43.77 1.20 -12.47
C ALA B 467 42.94 2.15 -13.33
N ALA B 468 41.78 1.69 -13.77
CA ALA B 468 40.93 2.51 -14.65
C ALA B 468 40.47 3.83 -14.03
N ILE B 469 40.51 3.96 -12.70
CA ILE B 469 40.03 5.17 -12.07
C ILE B 469 41.11 5.85 -11.24
N GLN B 470 42.37 5.51 -11.50
CA GLN B 470 43.46 6.18 -10.76
C GLN B 470 43.56 7.64 -11.23
N ASN B 471 43.55 8.54 -10.25
CA ASN B 471 43.41 9.96 -10.48
C ASN B 471 44.59 10.65 -9.78
N GLY B 472 45.73 10.77 -10.46
CA GLY B 472 46.96 11.15 -9.80
C GLY B 472 47.28 10.19 -8.66
N ASP B 473 47.52 10.71 -7.45
CA ASP B 473 47.77 9.82 -6.33
C ASP B 473 46.51 9.50 -5.52
N ILE B 474 45.35 9.75 -6.13
CA ILE B 474 44.05 9.50 -5.49
C ILE B 474 43.38 8.30 -6.16
N LYS B 475 42.87 7.36 -5.38
CA LYS B 475 42.06 6.26 -5.93
C LYS B 475 40.66 6.75 -6.28
N GLY B 476 40.29 6.74 -7.57
CA GLY B 476 38.98 7.22 -7.97
C GLY B 476 38.90 8.73 -8.14
N TYR B 477 37.79 9.16 -8.76
CA TYR B 477 37.49 10.56 -8.96
C TYR B 477 36.34 10.91 -8.04
N ALA B 478 36.48 12.00 -7.31
CA ALA B 478 35.39 12.48 -6.45
C ALA B 478 34.07 12.61 -7.23
N ALA B 479 32.97 12.32 -6.55
CA ALA B 479 31.64 12.66 -7.09
C ALA B 479 31.41 14.17 -7.16
N TYR B 480 32.10 14.93 -6.30
CA TYR B 480 31.91 16.37 -6.24
C TYR B 480 33.25 16.97 -5.84
N LYS B 481 33.85 17.70 -6.79
CA LYS B 481 35.20 18.27 -6.65
C LYS B 481 35.17 19.77 -6.74
N VAL B 482 35.68 20.46 -5.71
CA VAL B 482 35.83 21.90 -5.75
C VAL B 482 37.30 22.16 -6.05
N ASP B 483 37.59 22.97 -7.08
CA ASP B 483 39.00 23.23 -7.45
C ASP B 483 39.79 23.86 -6.30
N ASP B 484 41.08 23.52 -6.23
CA ASP B 484 41.94 24.04 -5.17
C ASP B 484 41.99 25.56 -5.12
N SER B 485 41.82 26.20 -6.27
CA SER B 485 41.92 27.66 -6.34
C SER B 485 40.69 28.40 -5.80
N VAL B 486 39.59 27.69 -5.58
CA VAL B 486 38.38 28.35 -5.12
C VAL B 486 38.53 28.86 -3.69
N THR B 487 38.01 30.07 -3.38
CA THR B 487 38.11 30.65 -2.04
CA THR B 487 38.11 30.60 -2.01
C THR B 487 36.83 30.44 -1.22
N THR B 488 35.67 30.48 -1.88
CA THR B 488 34.39 30.43 -1.20
CA THR B 488 34.39 30.39 -1.19
C THR B 488 33.48 29.39 -1.87
N HIS B 489 32.89 28.50 -1.07
CA HIS B 489 31.96 27.49 -1.58
C HIS B 489 31.19 26.95 -0.39
N GLU B 490 29.95 26.53 -0.57
CA GLU B 490 29.23 25.90 0.54
C GLU B 490 28.26 24.84 0.00
N GLY B 491 28.26 23.65 0.61
CA GLY B 491 27.33 22.57 0.22
C GLY B 491 26.66 21.98 1.45
N TRP B 492 25.39 21.60 1.31
CA TRP B 492 24.59 21.01 2.38
C TRP B 492 23.90 19.73 1.92
N GLY B 493 24.00 18.66 2.70
CA GLY B 493 23.17 17.48 2.51
C GLY B 493 23.56 16.72 1.26
N MSE B 494 24.75 16.14 1.28
CA MSE B 494 25.34 15.59 0.04
C MSE B 494 25.81 14.17 0.25
O MSE B 494 26.55 13.88 1.21
CB MSE B 494 26.50 16.49 -0.45
CG MSE B 494 26.04 17.96 -0.60
SE MSE B 494 27.24 19.04 -1.72
CE MSE B 494 28.54 18.64 -0.56
N GLY B 495 25.43 13.27 -0.66
CA GLY B 495 25.78 11.86 -0.54
C GLY B 495 26.25 11.24 -1.83
N SER B 496 27.24 10.35 -1.72
CA SER B 496 27.75 9.59 -2.86
C SER B 496 27.77 8.12 -2.50
N TYR B 497 27.21 7.26 -3.37
CA TYR B 497 27.14 5.83 -3.09
C TYR B 497 27.89 5.05 -4.16
N CYS B 498 28.44 3.89 -3.81
CA CYS B 498 29.14 3.07 -4.77
C CYS B 498 28.54 1.68 -4.90
N TYR B 499 28.78 1.09 -6.07
CA TYR B 499 28.33 -0.25 -6.38
C TYR B 499 29.22 -0.74 -7.50
N PHE B 500 30.48 -1.02 -7.16
CA PHE B 500 31.46 -1.48 -8.14
C PHE B 500 31.22 -2.96 -8.38
N ASN B 501 30.25 -3.28 -9.22
CA ASN B 501 29.86 -4.68 -9.37
C ASN B 501 30.77 -5.47 -10.31
N VAL B 502 31.41 -4.78 -11.26
CA VAL B 502 32.37 -5.43 -12.13
C VAL B 502 33.61 -5.85 -11.35
N ASN B 503 34.12 -4.95 -10.51
CA ASN B 503 35.25 -5.27 -9.64
C ASN B 503 35.00 -4.80 -8.20
N PRO B 504 34.43 -5.69 -7.36
CA PRO B 504 34.02 -5.25 -6.02
C PRO B 504 35.17 -5.06 -5.03
N ASP B 505 36.41 -5.26 -5.46
CA ASP B 505 37.56 -4.96 -4.60
C ASP B 505 38.04 -3.53 -4.80
N ILE B 506 37.43 -2.78 -5.73
CA ILE B 506 37.82 -1.38 -5.92
C ILE B 506 37.63 -0.57 -4.66
N ARG B 507 38.55 0.37 -4.41
CA ARG B 507 38.38 1.32 -3.32
C ARG B 507 38.29 2.73 -3.91
N GLN B 508 37.32 3.49 -3.43
CA GLN B 508 37.09 4.87 -3.86
C GLN B 508 37.59 5.74 -2.71
N GLN B 509 38.56 6.61 -2.95
CA GLN B 509 39.14 7.34 -1.81
C GLN B 509 38.13 8.20 -1.08
N HIS B 510 37.27 8.91 -1.81
CA HIS B 510 36.30 9.78 -1.17
C HIS B 510 35.13 10.07 -2.09
N GLY B 511 34.05 10.56 -1.49
CA GLY B 511 32.93 11.12 -2.26
C GLY B 511 33.21 12.54 -2.71
N PHE B 512 33.96 13.30 -1.92
CA PHE B 512 34.09 14.75 -2.05
C PHE B 512 35.55 15.16 -1.97
N GLN B 513 35.92 16.18 -2.74
CA GLN B 513 37.28 16.69 -2.71
C GLN B 513 37.20 18.21 -2.76
N ALA B 514 37.92 18.89 -1.88
CA ALA B 514 37.90 20.35 -1.81
C ALA B 514 39.16 20.86 -1.11
N PRO B 515 39.53 22.10 -1.38
CA PRO B 515 40.64 22.66 -0.59
C PRO B 515 40.19 22.91 0.85
N VAL B 516 41.16 22.97 1.75
CA VAL B 516 40.91 23.29 3.15
C VAL B 516 41.14 24.78 3.36
N LYS B 517 40.05 25.52 3.45
CA LYS B 517 40.07 26.99 3.55
C LYS B 517 38.86 27.41 4.33
N PRO B 518 38.93 28.53 5.05
CA PRO B 518 37.80 28.88 5.93
C PRO B 518 36.50 29.13 5.16
N GLY B 519 36.62 29.61 3.91
CA GLY B 519 35.43 29.93 3.14
C GLY B 519 34.85 28.77 2.36
N VAL B 520 35.46 27.59 2.44
CA VAL B 520 35.01 26.41 1.68
C VAL B 520 34.42 25.42 2.66
N LYS B 521 33.09 25.38 2.70
CA LYS B 521 32.41 24.72 3.83
C LYS B 521 31.43 23.65 3.37
N PHE B 522 31.37 22.54 4.10
CA PHE B 522 30.38 21.50 3.82
C PHE B 522 29.65 21.07 5.07
N HIS B 523 28.39 20.72 4.88
CA HIS B 523 27.53 20.32 5.98
C HIS B 523 26.82 19.05 5.59
N ASP B 524 26.90 18.04 6.47
CA ASP B 524 26.17 16.80 6.32
C ASP B 524 26.54 16.03 5.05
N LEU B 525 27.76 15.52 5.02
CA LEU B 525 28.26 14.66 3.96
C LEU B 525 28.15 13.18 4.35
N LEU B 526 27.86 12.34 3.35
CA LEU B 526 27.88 10.90 3.59
C LEU B 526 28.35 10.15 2.35
N VAL B 527 28.96 8.99 2.57
CA VAL B 527 29.23 8.03 1.51
C VAL B 527 28.68 6.67 1.95
N VAL B 528 28.27 5.84 0.98
CA VAL B 528 27.66 4.56 1.27
C VAL B 528 28.08 3.53 0.25
N SER B 529 28.51 2.35 0.69
CA SER B 529 28.71 1.22 -0.22
C SER B 529 27.42 0.40 -0.27
N LEU B 530 26.91 0.19 -1.49
CA LEU B 530 25.71 -0.63 -1.65
C LEU B 530 26.08 -2.12 -1.60
N GLY B 531 25.84 -2.75 -0.46
CA GLY B 531 26.05 -4.18 -0.33
C GLY B 531 27.49 -4.67 -0.44
N GLY B 532 28.46 -3.81 -0.13
CA GLY B 532 29.85 -4.23 -0.12
C GLY B 532 30.50 -4.33 -1.48
N LYS B 533 29.87 -3.74 -2.50
CA LYS B 533 30.47 -3.78 -3.83
C LYS B 533 31.36 -2.55 -3.98
N GLY B 534 32.65 -2.74 -3.63
CA GLY B 534 33.55 -1.63 -3.42
C GLY B 534 33.39 -1.01 -2.04
N GLN B 535 34.33 -0.15 -1.66
CA GLN B 535 34.20 0.62 -0.40
C GLN B 535 34.82 1.98 -0.60
N TYR B 536 34.39 2.93 0.23
CA TYR B 536 35.06 4.23 0.33
C TYR B 536 36.16 4.16 1.37
N GLU B 537 37.26 4.87 1.11
CA GLU B 537 38.30 5.01 2.14
C GLU B 537 38.00 6.13 3.14
N HIS B 538 37.33 7.17 2.66
CA HIS B 538 37.06 8.38 3.42
C HIS B 538 35.79 9.04 2.86
N VAL B 539 35.32 10.08 3.52
CA VAL B 539 34.15 10.83 3.06
C VAL B 539 34.57 12.00 2.18
N ILE B 540 35.45 12.86 2.69
CA ILE B 540 35.93 14.02 1.97
C ILE B 540 37.44 14.11 2.12
N ASN B 541 38.15 14.34 1.03
CA ASN B 541 39.61 14.39 1.05
C ASN B 541 40.16 13.12 1.73
N ASP B 542 40.91 13.25 2.83
CA ASP B 542 41.40 12.11 3.61
CA ASP B 542 41.33 12.05 3.58
C ASP B 542 40.71 12.05 4.98
N ILE B 543 39.50 12.60 5.05
CA ILE B 543 38.76 12.78 6.31
C ILE B 543 37.52 11.90 6.34
N GLY B 544 37.21 11.31 7.49
CA GLY B 544 36.04 10.45 7.62
C GLY B 544 36.44 8.99 7.61
N ASP B 545 35.64 8.14 8.25
CA ASP B 545 35.90 6.71 8.27
C ASP B 545 35.63 6.05 6.93
N PRO B 546 36.37 4.97 6.63
CA PRO B 546 35.98 4.16 5.48
C PRO B 546 34.65 3.47 5.69
N THR B 547 33.98 3.10 4.59
CA THR B 547 32.87 2.18 4.73
C THR B 547 33.47 0.77 4.85
N SER B 548 32.74 -0.14 5.46
CA SER B 548 33.18 -1.52 5.53
C SER B 548 32.01 -2.45 5.67
N GLY B 549 32.26 -3.71 5.39
CA GLY B 549 31.21 -4.72 5.47
C GLY B 549 30.25 -4.65 4.30
N ASP B 550 29.14 -5.36 4.41
CA ASP B 550 28.19 -5.42 3.29
C ASP B 550 26.79 -5.02 3.71
N THR B 551 26.72 -4.24 4.79
CA THR B 551 25.45 -3.88 5.40
C THR B 551 24.94 -2.48 5.04
N THR B 552 25.64 -1.82 4.12
CA THR B 552 25.16 -0.55 3.58
C THR B 552 24.94 0.50 4.69
N ILE B 553 25.91 0.60 5.62
CA ILE B 553 25.87 1.64 6.65
C ILE B 553 26.66 2.87 6.20
N PRO B 554 26.02 4.05 6.18
CA PRO B 554 26.74 5.24 5.72
C PRO B 554 27.90 5.63 6.64
N SER B 555 28.95 6.18 6.03
CA SER B 555 30.00 6.91 6.77
C SER B 555 29.76 8.40 6.58
N GLN B 556 29.79 9.18 7.66
CA GLN B 556 29.31 10.55 7.63
C GLN B 556 30.31 11.55 8.18
N VAL B 557 30.23 12.77 7.66
CA VAL B 557 30.92 13.92 8.25
C VAL B 557 29.94 15.07 8.43
N VAL B 558 29.78 15.56 9.65
CA VAL B 558 28.80 16.59 9.91
C VAL B 558 29.25 17.96 9.43
N SER B 559 30.51 18.30 9.71
CA SER B 559 31.03 19.62 9.38
CA SER B 559 31.03 19.62 9.38
C SER B 559 32.44 19.53 8.84
N PHE B 560 32.69 20.21 7.73
CA PHE B 560 34.01 20.32 7.13
C PHE B 560 34.20 21.78 6.74
N PRO B 561 35.38 22.36 6.97
CA PRO B 561 36.54 21.74 7.62
C PRO B 561 36.35 21.79 9.14
MG MG C . -18.09 -4.45 11.31
MG MG D . -25.74 -30.55 30.73
MG MG E . 19.16 4.61 -9.09
C1 EDO F . 14.79 8.55 -27.06
O1 EDO F . 14.92 9.79 -26.39
C2 EDO F . 14.20 7.43 -26.19
O2 EDO F . 13.50 7.89 -25.03
#